data_6NYQ
#
_entry.id   6NYQ
#
_cell.length_a   81.924
_cell.length_b   55.238
_cell.length_c   99.639
_cell.angle_alpha   90.00
_cell.angle_beta   99.35
_cell.angle_gamma   90.00
#
_symmetry.space_group_name_H-M   'P 1 21 1'
#
loop_
_entity.id
_entity.type
_entity.pdbx_description
1 polymer '1H3 Fab light chain'
2 polymer '1H3 Fab heavy chain'
3 polymer 'Glycosylated lysosomal membrane protein'
4 non-polymer 'SODIUM ION'
5 non-polymer 2-acetamido-2-deoxy-beta-D-glucopyranose
6 water water
#
loop_
_entity_poly.entity_id
_entity_poly.type
_entity_poly.pdbx_seq_one_letter_code
_entity_poly.pdbx_strand_id
1 'polypeptide(L)'
;DIQMTQSPASLSASVGETVTITCRTSGDIHSYLAWYQQKQGKSPQLLVYNAKTLVDGVPSRFSGSGSVTQYTLKISSLQP
EDFGNYYCQHFWTPPWTFGGGTKVEIKRTVAAPSVFIFPPSDEQLKSGTASVVCLLNNFYPREAKVQWKVDNALQSGNSQ
ESVTEQDSKDSTYSLSSTLTLSKADYEKHKVYACEVTHQGLSSPVTKSFNRGEC
;
L
2 'polypeptide(L)'
;QVQLQQSGDDLVKPGASVKLSCKASGYTVTSYWIDWIKQRPGQGLEWIGRIAPGSSNTYYNEIFKGKATLTVDISSSTAY
IQLSSLSSEDSAVYFCAREITSATAMEYWGQGTSVTVSSASTKGPSVFPLAPSSKSTSGGTAALGCLVKDYFPEPVTVSW
NSGALTSGVHTFPAVLQSSGLYSLSSVVTVPSSSLGTQTYICNVNHKPSNTKVDKKVEPKSCDKTHT
;
H
3 'polypeptide(L)'
;MFRCWGPHWGWVPCAPTPWLLLSLLVCSAPFGLQGEETRQVSMEVISGWPNPQNLLHIRAVGSNSTLHYVWSSLGPPAVV
LVATNTTQSVLSVNWSLLLSPDPAGALMVLPKSSIQFSSALVFTRLLEFDSTNASEGAQPPGKPYPPYSLAKFSWNNITN
SLDLANLSADFQGRPVDDPTGAFANGSLTFKVQAFSRSGRPAQPPRLLHTADVCQLEVALVGASPRGNHSLFGLEVATLG
QGPDCPSVNERNSIDDEYAPAVFQLNQLLWGSSPSGFMQWRPVAFSEEERARESALPCQASTLHSTLASSLPHSPIVQAF
FGSQNNFCAFNLTFGAPTGPGYWDQYYLCWSMLLGMGFPPVDIFSPLVLGIMAVALGAPGLMFLGGGLFLLLRHRRYSEY
QSIN
;
C
#
# COMPACT_ATOMS: atom_id res chain seq x y z
N ASP A 1 13.12 -2.84 -12.47
CA ASP A 1 12.31 -3.10 -11.25
C ASP A 1 13.23 -2.89 -10.02
N ILE A 2 12.64 -3.05 -8.84
CA ILE A 2 13.35 -3.18 -7.59
C ILE A 2 13.29 -4.65 -7.22
N GLN A 3 14.45 -5.26 -6.98
CA GLN A 3 14.54 -6.57 -6.35
C GLN A 3 14.64 -6.48 -4.81
N MET A 4 13.89 -7.32 -4.12
CA MET A 4 13.81 -7.33 -2.66
C MET A 4 14.19 -8.70 -2.17
N THR A 5 15.08 -8.72 -1.19
CA THR A 5 15.42 -9.92 -0.48
C THR A 5 15.07 -9.80 0.98
N GLN A 6 14.08 -10.56 1.40
CA GLN A 6 13.71 -10.62 2.81
C GLN A 6 14.34 -11.84 3.50
N SER A 7 14.98 -11.62 4.66
CA SER A 7 15.67 -12.68 5.35
C SER A 7 15.56 -12.50 6.86
N PRO A 8 15.55 -13.60 7.62
CA PRO A 8 15.58 -14.96 7.11
C PRO A 8 14.21 -15.39 6.70
N ALA A 9 14.11 -16.50 5.98
CA ALA A 9 12.84 -17.07 5.59
C ALA A 9 12.13 -17.67 6.78
N SER A 10 12.86 -18.16 7.78
CA SER A 10 12.19 -18.59 8.99
C SER A 10 13.03 -18.31 10.19
N LEU A 11 12.36 -18.10 11.30
CA LEU A 11 13.07 -18.04 12.55
C LEU A 11 12.26 -18.61 13.67
N SER A 12 13.00 -19.10 14.66
CA SER A 12 12.40 -19.70 15.83
C SER A 12 12.95 -19.00 17.06
N ALA A 13 12.10 -18.55 17.96
CA ALA A 13 12.59 -17.90 19.14
C ALA A 13 11.67 -18.15 20.30
N SER A 14 12.14 -17.84 21.49
CA SER A 14 11.34 -18.06 22.72
C SER A 14 10.60 -16.81 23.09
N VAL A 15 9.51 -16.96 23.81
CA VAL A 15 8.84 -15.82 24.40
C VAL A 15 9.80 -14.96 25.20
N GLY A 16 9.75 -13.64 25.01
CA GLY A 16 10.57 -12.71 25.71
C GLY A 16 11.83 -12.31 24.94
N GLU A 17 12.17 -13.04 23.88
CA GLU A 17 13.35 -12.74 23.08
C GLU A 17 13.06 -11.58 22.08
N THR A 18 14.14 -11.00 21.56
CA THR A 18 14.03 -9.96 20.56
C THR A 18 14.51 -10.52 19.26
N VAL A 19 13.74 -10.35 18.17
CA VAL A 19 14.18 -10.84 16.88
C VAL A 19 14.11 -9.75 15.79
N THR A 20 14.83 -9.95 14.69
CA THR A 20 14.84 -8.96 13.60
C THR A 20 14.67 -9.66 12.24
N ILE A 21 13.98 -8.99 11.34
CA ILE A 21 13.77 -9.43 9.94
C ILE A 21 14.32 -8.30 9.07
N THR A 22 15.10 -8.65 8.08
CA THR A 22 15.76 -7.64 7.22
C THR A 22 15.17 -7.72 5.82
N CYS A 23 15.00 -6.55 5.22
CA CYS A 23 14.60 -6.45 3.80
C CYS A 23 15.66 -5.59 3.11
N ARG A 24 16.35 -6.17 2.17
CA ARG A 24 17.35 -5.47 1.35
C ARG A 24 16.85 -5.30 -0.06
N THR A 25 16.96 -4.08 -0.56
CA THR A 25 16.55 -3.76 -1.90
C THR A 25 17.74 -3.56 -2.84
N SER A 26 17.47 -3.71 -4.12
CA SER A 26 18.50 -3.51 -5.14
C SER A 26 18.79 -2.04 -5.41
N GLY A 27 17.87 -1.13 -5.08
CA GLY A 27 18.07 0.31 -5.26
C GLY A 27 17.48 1.12 -4.14
N ASP A 28 17.91 2.37 -4.00
CA ASP A 28 17.42 3.24 -2.91
C ASP A 28 15.89 3.42 -3.10
N ILE A 29 15.11 3.00 -2.11
CA ILE A 29 13.67 3.21 -2.13
C ILE A 29 13.15 4.30 -1.17
N HIS A 30 14.04 5.07 -0.59
CA HIS A 30 13.74 6.30 0.15
C HIS A 30 12.67 6.10 1.23
N SER A 31 12.72 4.97 1.93
CA SER A 31 11.77 4.64 2.94
C SER A 31 10.32 4.43 2.51
N TYR A 32 10.15 4.08 1.26
CA TYR A 32 8.85 3.68 0.76
C TYR A 32 8.69 2.17 0.98
N LEU A 33 8.42 1.79 2.21
CA LEU A 33 8.51 0.37 2.60
C LEU A 33 7.60 0.11 3.76
N ALA A 34 6.76 -0.91 3.66
CA ALA A 34 5.83 -1.29 4.71
C ALA A 34 6.07 -2.72 5.19
N TRP A 35 5.66 -2.96 6.43
CA TRP A 35 5.73 -4.32 7.00
C TRP A 35 4.32 -4.78 7.39
N TYR A 36 4.01 -6.03 7.09
CA TYR A 36 2.74 -6.66 7.43
C TYR A 36 2.97 -7.94 8.27
N GLN A 37 1.99 -8.28 9.12
CA GLN A 37 1.90 -9.59 9.74
C GLN A 37 0.64 -10.27 9.19
N GLN A 38 0.73 -11.56 8.96
CA GLN A 38 -0.41 -12.33 8.55
C GLN A 38 -0.49 -13.56 9.45
N LYS A 39 -1.61 -13.67 10.13
CA LYS A 39 -1.93 -14.84 10.93
C LYS A 39 -2.73 -15.84 10.14
N GLN A 40 -2.69 -17.11 10.58
CA GLN A 40 -3.31 -18.24 9.86
C GLN A 40 -4.79 -17.96 9.69
N GLY A 41 -5.24 -18.02 8.44
CA GLY A 41 -6.62 -17.77 8.08
C GLY A 41 -7.12 -16.33 8.08
N LYS A 42 -6.22 -15.36 8.15
CA LYS A 42 -6.65 -13.97 8.24
C LYS A 42 -5.97 -13.19 7.11
N SER A 43 -6.47 -12.00 6.88
CA SER A 43 -5.82 -11.04 5.99
C SER A 43 -4.56 -10.52 6.63
N PRO A 44 -3.61 -10.10 5.79
CA PRO A 44 -2.49 -9.36 6.35
C PRO A 44 -2.91 -8.07 7.10
N GLN A 45 -2.13 -7.67 8.09
CA GLN A 45 -2.36 -6.44 8.83
C GLN A 45 -1.09 -5.60 8.76
N LEU A 46 -1.24 -4.32 8.45
CA LEU A 46 -0.15 -3.37 8.37
C LEU A 46 0.39 -3.12 9.80
N LEU A 47 1.68 -3.30 9.97
CA LEU A 47 2.37 -2.96 11.22
C LEU A 47 3.09 -1.61 11.20
N VAL A 48 3.86 -1.38 10.13
CA VAL A 48 4.72 -0.23 10.06
C VAL A 48 4.73 0.19 8.62
N TYR A 49 4.77 1.50 8.36
CA TYR A 49 4.88 2.03 7.02
C TYR A 49 5.86 3.18 7.02
N ASN A 50 6.27 3.56 5.83
CA ASN A 50 7.29 4.57 5.63
C ASN A 50 8.57 4.20 6.41
N ALA A 51 8.87 2.89 6.42
CA ALA A 51 10.00 2.31 7.08
C ALA A 51 9.95 2.24 8.61
N LYS A 52 9.43 3.28 9.25
CA LYS A 52 9.55 3.45 10.70
C LYS A 52 8.30 3.97 11.39
N THR A 53 7.22 4.27 10.67
CA THR A 53 6.01 4.72 11.35
C THR A 53 5.10 3.58 11.81
N LEU A 54 4.90 3.48 13.12
CA LEU A 54 4.03 2.48 13.73
C LEU A 54 2.59 2.83 13.55
N VAL A 55 1.81 1.88 13.04
CA VAL A 55 0.38 2.07 12.94
C VAL A 55 -0.29 2.15 14.34
N ASP A 56 -1.26 3.04 14.50
CA ASP A 56 -1.97 3.19 15.78
C ASP A 56 -2.64 1.87 16.13
N GLY A 57 -2.48 1.41 17.36
CA GLY A 57 -3.12 0.16 17.75
C GLY A 57 -2.16 -0.99 17.71
N VAL A 58 -1.07 -0.86 16.95
CA VAL A 58 -0.10 -1.93 16.91
C VAL A 58 0.77 -1.83 18.13
N PRO A 59 1.02 -2.95 18.82
CA PRO A 59 1.85 -2.90 20.01
C PRO A 59 3.26 -2.31 19.80
N SER A 60 3.73 -1.57 20.80
CA SER A 60 5.00 -0.86 20.68
C SER A 60 6.21 -1.78 20.70
N ARG A 61 6.03 -3.04 20.98
CA ARG A 61 7.13 -3.97 20.79
C ARG A 61 7.53 -4.15 19.32
N PHE A 62 6.69 -3.74 18.39
CA PHE A 62 7.06 -3.76 16.96
C PHE A 62 7.71 -2.44 16.64
N SER A 63 8.86 -2.46 15.96
CA SER A 63 9.43 -1.22 15.44
C SER A 63 10.11 -1.50 14.13
N GLY A 64 10.10 -0.49 13.25
CA GLY A 64 10.82 -0.55 11.99
C GLY A 64 11.86 0.53 11.89
N SER A 65 12.94 0.24 11.16
CA SER A 65 13.90 1.26 10.84
C SER A 65 14.61 0.98 9.53
N GLY A 66 15.43 1.92 9.13
CA GLY A 66 16.22 1.72 7.91
C GLY A 66 16.10 2.86 6.96
N SER A 67 16.89 2.81 5.90
CA SER A 67 16.96 3.83 4.89
C SER A 67 17.76 3.23 3.75
N VAL A 68 17.79 3.96 2.64
CA VAL A 68 18.51 3.56 1.42
C VAL A 68 18.08 2.20 0.93
N THR A 69 18.93 1.16 1.10
CA THR A 69 18.55 -0.17 0.64
C THR A 69 18.34 -1.19 1.74
N GLN A 70 18.44 -0.81 3.00
CA GLN A 70 18.44 -1.76 4.10
C GLN A 70 17.36 -1.38 5.15
N TYR A 71 16.41 -2.29 5.34
CA TYR A 71 15.24 -2.04 6.19
C TYR A 71 15.11 -3.21 7.17
N THR A 72 14.74 -2.89 8.39
CA THR A 72 14.65 -3.89 9.48
C THR A 72 13.39 -3.75 10.29
N LEU A 73 12.68 -4.87 10.45
CA LEU A 73 11.60 -4.99 11.43
C LEU A 73 12.12 -5.62 12.69
N LYS A 74 11.91 -4.99 13.84
CA LYS A 74 12.33 -5.56 15.11
C LYS A 74 11.12 -5.89 15.97
N ILE A 75 11.09 -7.11 16.52
CA ILE A 75 10.05 -7.47 17.49
C ILE A 75 10.69 -7.71 18.82
N SER A 76 10.45 -6.80 19.75
CA SER A 76 11.04 -6.91 21.08
C SER A 76 10.10 -7.75 21.91
N SER A 77 10.65 -8.53 22.84
CA SER A 77 9.84 -9.22 23.81
C SER A 77 8.74 -10.03 23.13
N LEU A 78 9.18 -10.96 22.30
CA LEU A 78 8.30 -11.74 21.50
C LEU A 78 7.22 -12.42 22.40
N GLN A 79 5.98 -12.35 21.92
CA GLN A 79 4.83 -12.97 22.57
C GLN A 79 4.24 -14.11 21.71
N PRO A 80 3.47 -15.02 22.34
CA PRO A 80 2.92 -16.12 21.57
C PRO A 80 2.06 -15.67 20.40
N GLU A 81 1.36 -14.55 20.56
CA GLU A 81 0.49 -14.01 19.50
C GLU A 81 1.30 -13.49 18.29
N ASP A 82 2.62 -13.41 18.41
CA ASP A 82 3.47 -12.96 17.29
C ASP A 82 3.81 -14.03 16.27
N PHE A 83 3.38 -15.26 16.55
CA PHE A 83 3.51 -16.34 15.64
C PHE A 83 2.82 -15.98 14.34
N GLY A 84 3.45 -16.30 13.22
CA GLY A 84 2.80 -16.10 11.94
C GLY A 84 3.77 -15.71 10.85
N ASN A 85 3.27 -15.12 9.78
CA ASN A 85 4.15 -14.81 8.63
C ASN A 85 4.24 -13.29 8.51
N TYR A 86 5.42 -12.80 8.22
CA TYR A 86 5.66 -11.34 8.09
C TYR A 86 6.19 -11.07 6.68
N TYR A 87 5.83 -9.91 6.11
CA TYR A 87 6.17 -9.55 4.72
C TYR A 87 6.51 -8.05 4.66
N CYS A 88 7.59 -7.72 3.97
CA CYS A 88 7.88 -6.33 3.58
C CYS A 88 7.24 -6.12 2.21
N GLN A 89 6.97 -4.84 1.87
CA GLN A 89 6.46 -4.47 0.53
C GLN A 89 6.99 -3.07 0.25
N HIS A 90 7.50 -2.84 -0.94
CA HIS A 90 8.00 -1.49 -1.31
C HIS A 90 6.98 -0.77 -2.15
N PHE A 91 7.08 0.56 -2.13
CA PHE A 91 6.17 1.42 -2.88
C PHE A 91 6.91 2.40 -3.78
N TRP A 92 8.04 1.93 -4.29
CA TRP A 92 8.87 2.69 -5.20
C TRP A 92 8.49 2.35 -6.66
N THR A 93 9.42 2.07 -7.55
CA THR A 93 9.04 1.73 -8.93
C THR A 93 8.12 0.51 -9.00
N PRO A 94 6.96 0.64 -9.65
CA PRO A 94 6.11 -0.54 -9.79
C PRO A 94 6.81 -1.58 -10.61
N PRO A 95 6.54 -2.86 -10.35
CA PRO A 95 5.51 -3.36 -9.43
C PRO A 95 5.92 -3.31 -7.97
N TRP A 96 4.90 -3.15 -7.14
CA TRP A 96 5.03 -3.03 -5.67
C TRP A 96 5.01 -4.42 -5.06
N THR A 97 6.09 -5.13 -5.30
CA THR A 97 6.17 -6.50 -4.87
C THR A 97 6.47 -6.64 -3.37
N PHE A 98 6.19 -7.85 -2.92
CA PHE A 98 6.42 -8.25 -1.54
C PHE A 98 7.74 -9.04 -1.38
N GLY A 99 8.34 -8.98 -0.20
CA GLY A 99 9.43 -9.89 0.14
C GLY A 99 8.91 -11.32 0.16
N GLY A 100 9.81 -12.28 0.21
CA GLY A 100 9.41 -13.68 0.18
C GLY A 100 8.75 -14.19 1.44
N GLY A 101 8.80 -13.41 2.52
CA GLY A 101 8.09 -13.78 3.76
C GLY A 101 9.06 -14.33 4.80
N THR A 102 8.68 -14.17 6.06
CA THR A 102 9.41 -14.75 7.19
C THR A 102 8.38 -15.45 8.06
N LYS A 103 8.56 -16.75 8.29
CA LYS A 103 7.74 -17.48 9.23
C LYS A 103 8.39 -17.42 10.62
N VAL A 104 7.65 -16.88 11.60
CA VAL A 104 8.07 -16.81 12.96
C VAL A 104 7.43 -17.92 13.76
N GLU A 105 8.26 -18.81 14.25
CA GLU A 105 7.83 -19.92 15.16
C GLU A 105 8.24 -19.67 16.57
N ILE A 106 7.45 -20.17 17.52
CA ILE A 106 7.66 -19.85 18.94
C ILE A 106 8.10 -21.17 19.61
N LYS A 107 9.25 -21.13 20.27
CA LYS A 107 9.79 -22.27 21.02
C LYS A 107 9.09 -22.26 22.37
N ARG A 108 8.76 -23.43 22.91
CA ARG A 108 8.14 -23.47 24.22
C ARG A 108 8.45 -24.83 24.84
N THR A 109 8.02 -25.06 26.07
CA THR A 109 8.27 -26.35 26.74
C THR A 109 7.46 -27.51 26.15
N VAL A 110 7.98 -28.73 26.34
CA VAL A 110 7.31 -29.97 25.89
C VAL A 110 5.99 -30.06 26.62
N ALA A 111 4.93 -30.43 25.89
CA ALA A 111 3.63 -30.67 26.49
C ALA A 111 2.97 -31.87 25.80
N ALA A 112 2.49 -32.80 26.63
CA ALA A 112 1.89 -34.02 26.13
C ALA A 112 0.45 -33.69 25.68
N PRO A 113 -0.04 -34.45 24.73
CA PRO A 113 -1.40 -34.22 24.27
C PRO A 113 -2.43 -34.79 25.23
N SER A 114 -3.60 -34.18 25.29
CA SER A 114 -4.79 -34.82 25.81
C SER A 114 -5.45 -35.51 24.63
N VAL A 115 -5.88 -36.76 24.79
CA VAL A 115 -6.39 -37.59 23.69
C VAL A 115 -7.90 -37.85 23.90
N PHE A 116 -8.67 -37.77 22.84
CA PHE A 116 -10.11 -38.00 22.87
C PHE A 116 -10.45 -38.83 21.66
N ILE A 117 -11.48 -39.68 21.78
CA ILE A 117 -11.89 -40.47 20.65
C ILE A 117 -13.39 -40.27 20.40
N PHE A 118 -13.81 -40.28 19.15
CA PHE A 118 -15.23 -40.00 18.81
C PHE A 118 -15.77 -41.08 17.88
N PRO A 119 -16.83 -41.79 18.30
CA PRO A 119 -17.43 -42.75 17.39
C PRO A 119 -18.19 -42.03 16.27
N PRO A 120 -18.49 -42.71 15.17
CA PRO A 120 -19.35 -42.10 14.14
C PRO A 120 -20.75 -41.84 14.67
N SER A 121 -21.39 -40.82 14.11
CA SER A 121 -22.73 -40.45 14.53
C SER A 121 -23.68 -41.39 13.87
N ASP A 122 -24.82 -41.63 14.52
CA ASP A 122 -25.91 -42.38 13.90
C ASP A 122 -26.35 -41.73 12.61
N GLU A 123 -26.40 -40.39 12.57
CA GLU A 123 -26.73 -39.67 11.33
C GLU A 123 -25.81 -40.12 10.23
N GLN A 124 -24.49 -40.12 10.49
CA GLN A 124 -23.59 -40.52 9.40
C GLN A 124 -23.84 -41.98 8.98
N LEU A 125 -24.07 -42.85 9.96
CA LEU A 125 -24.17 -44.27 9.68
C LEU A 125 -25.31 -44.59 8.67
N LYS A 126 -26.44 -43.89 8.78
CA LYS A 126 -27.49 -43.92 7.74
C LYS A 126 -27.02 -43.77 6.30
N SER A 127 -25.94 -43.02 6.07
CA SER A 127 -25.51 -42.73 4.69
C SER A 127 -24.42 -43.68 4.20
N GLY A 128 -24.18 -44.78 4.94
CA GLY A 128 -23.27 -45.80 4.46
C GLY A 128 -21.79 -45.64 4.72
N THR A 129 -21.40 -44.62 5.49
CA THR A 129 -19.98 -44.46 5.81
C THR A 129 -19.84 -44.22 7.28
N ALA A 130 -18.65 -44.55 7.79
CA ALA A 130 -18.32 -44.35 9.18
C ALA A 130 -16.96 -43.67 9.30
N SER A 131 -16.95 -42.57 10.04
CA SER A 131 -15.74 -41.83 10.34
C SER A 131 -15.52 -41.91 11.85
N VAL A 132 -14.32 -42.33 12.23
CA VAL A 132 -13.97 -42.39 13.64
C VAL A 132 -12.86 -41.35 13.84
N VAL A 133 -13.00 -40.52 14.87
CA VAL A 133 -12.06 -39.38 14.98
C VAL A 133 -11.30 -39.48 16.27
N CYS A 134 -9.97 -39.30 16.17
CA CYS A 134 -9.05 -39.19 17.31
C CYS A 134 -8.44 -37.77 17.37
N LEU A 135 -8.67 -37.06 18.48
CA LEU A 135 -8.15 -35.72 18.74
C LEU A 135 -6.96 -35.77 19.72
N LEU A 136 -5.86 -35.13 19.33
CA LEU A 136 -4.72 -34.90 20.18
C LEU A 136 -4.68 -33.40 20.41
N ASN A 137 -5.00 -32.99 21.61
CA ASN A 137 -5.19 -31.59 21.89
C ASN A 137 -4.03 -30.95 22.66
N ASN A 138 -3.54 -29.83 22.15
CA ASN A 138 -2.67 -28.88 22.88
C ASN A 138 -1.31 -29.48 23.25
N PHE A 139 -0.58 -29.96 22.24
CA PHE A 139 0.73 -30.56 22.52
C PHE A 139 1.92 -29.83 21.89
N TYR A 140 3.11 -30.13 22.38
CA TYR A 140 4.36 -29.58 21.80
C TYR A 140 5.57 -30.49 22.11
N PRO A 141 6.51 -30.73 21.17
CA PRO A 141 6.48 -30.19 19.78
C PRO A 141 5.50 -30.96 18.88
N ARG A 142 5.58 -30.73 17.58
CA ARG A 142 4.60 -31.23 16.62
C ARG A 142 4.68 -32.75 16.34
N GLU A 143 5.87 -33.36 16.39
CA GLU A 143 5.99 -34.83 16.12
C GLU A 143 5.05 -35.64 17.02
N ALA A 144 4.26 -36.51 16.40
CA ALA A 144 3.36 -37.39 17.12
C ALA A 144 2.96 -38.52 16.23
N LYS A 145 2.66 -39.65 16.82
CA LYS A 145 2.31 -40.84 16.03
C LYS A 145 0.93 -41.29 16.51
N VAL A 146 0.01 -41.54 15.58
CA VAL A 146 -1.29 -42.07 15.97
C VAL A 146 -1.46 -43.38 15.23
N GLN A 147 -1.77 -44.46 15.93
CA GLN A 147 -2.07 -45.73 15.25
C GLN A 147 -3.51 -46.09 15.56
N TRP A 148 -4.22 -46.59 14.56
CA TRP A 148 -5.58 -47.07 14.79
C TRP A 148 -5.56 -48.59 14.97
N LYS A 149 -6.35 -49.08 15.92
CA LYS A 149 -6.66 -50.51 16.05
C LYS A 149 -8.17 -50.79 16.05
N VAL A 150 -8.57 -51.76 15.28
CA VAL A 150 -9.96 -52.17 15.21
C VAL A 150 -9.94 -53.65 15.60
N ASP A 151 -10.65 -53.99 16.69
CA ASP A 151 -10.60 -55.32 17.30
C ASP A 151 -9.16 -55.80 17.39
N ASN A 152 -8.29 -54.92 17.87
CA ASN A 152 -6.88 -55.22 18.12
C ASN A 152 -6.02 -55.45 16.88
N ALA A 153 -6.57 -55.22 15.68
CA ALA A 153 -5.82 -55.23 14.42
C ALA A 153 -5.37 -53.81 14.03
N LEU A 154 -4.06 -53.65 13.86
CA LEU A 154 -3.51 -52.40 13.35
C LEU A 154 -4.04 -52.03 11.98
N GLN A 155 -4.55 -50.81 11.85
CA GLN A 155 -5.00 -50.28 10.54
C GLN A 155 -3.89 -49.60 9.78
N SER A 156 -3.98 -49.66 8.46
CA SER A 156 -3.06 -48.95 7.56
C SER A 156 -3.78 -48.51 6.30
N GLY A 157 -3.43 -47.32 5.80
CA GLY A 157 -4.01 -46.76 4.55
C GLY A 157 -5.46 -46.23 4.56
N ASN A 158 -6.17 -46.35 5.69
CA ASN A 158 -7.56 -45.86 5.79
C ASN A 158 -7.71 -44.71 6.82
N SER A 159 -6.64 -43.99 7.08
CA SER A 159 -6.69 -42.82 7.95
C SER A 159 -6.02 -41.59 7.35
N GLN A 160 -6.46 -40.43 7.79
CA GLN A 160 -5.88 -39.17 7.35
C GLN A 160 -5.70 -38.24 8.56
N GLU A 161 -4.60 -37.53 8.60
CA GLU A 161 -4.31 -36.61 9.72
C GLU A 161 -4.35 -35.18 9.28
N SER A 162 -4.66 -34.28 10.23
CA SER A 162 -4.57 -32.87 10.01
C SER A 162 -4.06 -32.18 11.25
N VAL A 163 -3.25 -31.14 11.09
CA VAL A 163 -2.60 -30.52 12.24
C VAL A 163 -2.73 -29.01 12.19
N THR A 164 -3.04 -28.39 13.33
CA THR A 164 -3.14 -26.92 13.38
C THR A 164 -1.74 -26.25 13.36
N GLU A 165 -1.70 -24.97 13.05
CA GLU A 165 -0.48 -24.19 13.29
C GLU A 165 -0.44 -23.89 14.80
N GLN A 166 0.71 -23.44 15.29
CA GLN A 166 0.79 -23.05 16.69
C GLN A 166 -0.29 -22.11 17.13
N ASP A 167 -0.82 -22.40 18.32
CA ASP A 167 -1.88 -21.64 18.94
C ASP A 167 -1.34 -20.27 19.32
N SER A 168 -2.19 -19.26 19.17
CA SER A 168 -1.79 -17.86 19.41
C SER A 168 -1.75 -17.47 20.90
N LYS A 169 -2.33 -18.29 21.79
CA LYS A 169 -2.22 -18.11 23.25
C LYS A 169 -1.10 -18.96 23.87
N ASP A 170 -1.00 -20.26 23.54
CA ASP A 170 -0.10 -21.15 24.28
C ASP A 170 0.92 -21.85 23.42
N SER A 171 0.91 -21.55 22.14
CA SER A 171 1.97 -22.03 21.22
C SER A 171 1.98 -23.51 20.97
N THR A 172 0.89 -24.19 21.30
CA THR A 172 0.75 -25.62 21.10
C THR A 172 0.11 -25.97 19.75
N TYR A 173 0.24 -27.23 19.39
CA TYR A 173 -0.38 -27.82 18.23
C TYR A 173 -1.54 -28.70 18.67
N SER A 174 -2.54 -28.88 17.80
CA SER A 174 -3.54 -29.93 17.99
C SER A 174 -3.64 -30.70 16.67
N LEU A 175 -4.04 -31.97 16.74
CA LEU A 175 -4.03 -32.86 15.59
C LEU A 175 -5.30 -33.68 15.58
N SER A 176 -5.92 -33.88 14.40
CA SER A 176 -7.03 -34.85 14.28
C SER A 176 -6.59 -35.98 13.36
N SER A 177 -6.93 -37.21 13.73
CA SER A 177 -6.78 -38.35 12.83
C SER A 177 -8.20 -38.88 12.60
N THR A 178 -8.53 -39.14 11.34
CA THR A 178 -9.86 -39.65 10.98
C THR A 178 -9.72 -40.99 10.28
N LEU A 179 -10.34 -42.02 10.88
CA LEU A 179 -10.39 -43.37 10.28
C LEU A 179 -11.74 -43.48 9.54
N THR A 180 -11.70 -43.94 8.29
CA THR A 180 -12.87 -44.03 7.42
C THR A 180 -13.10 -45.49 7.04
N LEU A 181 -14.24 -46.01 7.46
CA LEU A 181 -14.67 -47.36 7.13
C LEU A 181 -16.04 -47.29 6.46
N SER A 182 -16.37 -48.28 5.63
CA SER A 182 -17.73 -48.43 5.16
C SER A 182 -18.58 -48.81 6.35
N LYS A 183 -19.88 -48.51 6.32
CA LYS A 183 -20.79 -48.88 7.41
C LYS A 183 -20.76 -50.40 7.74
N ALA A 184 -20.73 -51.21 6.71
CA ALA A 184 -20.71 -52.67 6.84
C ALA A 184 -19.50 -53.10 7.68
N ASP A 185 -18.35 -52.58 7.31
CA ASP A 185 -17.10 -52.87 8.00
C ASP A 185 -17.11 -52.37 9.43
N TYR A 186 -17.64 -51.16 9.66
CA TYR A 186 -17.80 -50.63 11.01
C TYR A 186 -18.66 -51.57 11.92
N GLU A 187 -19.77 -52.10 11.38
CA GLU A 187 -20.74 -52.92 12.19
C GLU A 187 -20.25 -54.37 12.40
N LYS A 188 -19.20 -54.76 11.68
CA LYS A 188 -18.56 -56.07 11.87
C LYS A 188 -17.61 -56.15 13.08
N HIS A 189 -17.21 -55.00 13.66
CA HIS A 189 -16.25 -54.98 14.77
C HIS A 189 -16.71 -54.22 15.96
N LYS A 190 -16.05 -54.48 17.08
CA LYS A 190 -16.51 -53.98 18.34
C LYS A 190 -15.60 -52.89 18.90
N VAL A 191 -14.30 -53.15 18.98
CA VAL A 191 -13.39 -52.28 19.73
C VAL A 191 -12.64 -51.36 18.75
N TYR A 192 -12.78 -50.06 18.95
CA TYR A 192 -12.11 -49.03 18.17
C TYR A 192 -11.22 -48.27 19.08
N ALA A 193 -9.94 -48.18 18.71
CA ALA A 193 -8.94 -47.58 19.59
C ALA A 193 -7.96 -46.75 18.80
N CYS A 194 -7.52 -45.63 19.34
CA CYS A 194 -6.38 -44.94 18.76
C CYS A 194 -5.26 -44.85 19.82
N GLU A 195 -4.06 -45.13 19.40
CA GLU A 195 -2.90 -45.18 20.27
C GLU A 195 -1.93 -44.04 19.88
N VAL A 196 -1.57 -43.22 20.85
CA VAL A 196 -0.86 -41.98 20.62
C VAL A 196 0.52 -42.06 21.33
N THR A 197 1.56 -41.79 20.54
CA THR A 197 2.94 -41.70 20.98
C THR A 197 3.39 -40.25 20.80
N HIS A 198 4.10 -39.72 21.80
CA HIS A 198 4.57 -38.37 21.76
C HIS A 198 5.63 -38.27 22.88
N GLN A 199 6.69 -37.53 22.60
CA GLN A 199 7.80 -37.19 23.56
C GLN A 199 7.39 -36.87 24.97
N GLY A 200 6.31 -36.12 25.09
CA GLY A 200 5.86 -35.68 26.40
C GLY A 200 5.13 -36.74 27.22
N LEU A 201 4.91 -37.92 26.65
CA LEU A 201 4.25 -39.04 27.38
C LEU A 201 5.28 -40.07 27.79
N SER A 202 5.11 -40.67 28.96
CA SER A 202 6.05 -41.72 29.45
C SER A 202 5.94 -42.94 28.58
N SER A 203 4.70 -43.33 28.26
CA SER A 203 4.42 -44.43 27.34
C SER A 203 3.14 -44.13 26.52
N PRO A 204 2.91 -44.86 25.42
CA PRO A 204 1.77 -44.56 24.57
C PRO A 204 0.44 -44.50 25.32
N VAL A 205 -0.45 -43.63 24.89
CA VAL A 205 -1.76 -43.47 25.49
C VAL A 205 -2.79 -44.01 24.50
N THR A 206 -3.77 -44.79 24.99
CA THR A 206 -4.74 -45.46 24.15
C THR A 206 -6.12 -44.98 24.60
N LYS A 207 -6.93 -44.49 23.68
CA LYS A 207 -8.34 -44.20 23.95
C LYS A 207 -9.18 -45.15 23.09
N SER A 208 -10.23 -45.73 23.64
CA SER A 208 -11.04 -46.66 22.88
C SER A 208 -12.51 -46.57 23.29
N PHE A 209 -13.35 -47.16 22.47
CA PHE A 209 -14.75 -47.34 22.80
C PHE A 209 -15.15 -48.67 22.23
N ASN A 210 -16.25 -49.24 22.75
CA ASN A 210 -16.92 -50.38 22.11
C ASN A 210 -18.13 -49.89 21.37
N ARG A 211 -18.25 -50.23 20.10
CA ARG A 211 -19.38 -49.83 19.23
C ARG A 211 -20.74 -50.00 19.93
N GLY A 212 -21.47 -48.92 20.18
CA GLY A 212 -22.67 -48.93 21.05
C GLY A 212 -22.74 -47.78 22.07
N GLN B 1 -15.09 1.41 11.42
CA GLN B 1 -16.02 2.03 10.45
C GLN B 1 -15.54 1.88 8.98
N VAL B 2 -14.26 2.04 8.64
CA VAL B 2 -13.76 1.65 7.28
C VAL B 2 -13.93 0.15 7.13
N GLN B 3 -14.66 -0.31 6.12
CA GLN B 3 -14.86 -1.74 5.87
C GLN B 3 -14.74 -2.02 4.40
N LEU B 4 -14.13 -3.15 4.04
CA LEU B 4 -14.07 -3.63 2.68
C LEU B 4 -14.69 -4.98 2.69
N GLN B 5 -15.81 -5.15 2.02
CA GLN B 5 -16.60 -6.39 2.11
C GLN B 5 -16.48 -7.09 0.74
N GLN B 6 -15.82 -8.25 0.75
CA GLN B 6 -15.57 -8.98 -0.49
C GLN B 6 -16.62 -10.04 -0.75
N SER B 7 -16.75 -10.38 -2.03
CA SER B 7 -17.74 -11.35 -2.49
C SER B 7 -17.36 -12.76 -2.06
N GLY B 8 -18.30 -13.68 -2.22
CA GLY B 8 -18.17 -15.04 -1.69
C GLY B 8 -17.20 -15.90 -2.48
N ASP B 9 -16.65 -16.89 -1.80
CA ASP B 9 -15.77 -17.86 -2.44
C ASP B 9 -16.43 -18.57 -3.60
N ASP B 10 -15.62 -18.87 -4.61
CA ASP B 10 -16.09 -19.23 -5.94
C ASP B 10 -15.40 -20.49 -6.49
N LEU B 11 -16.16 -21.26 -7.24
CA LEU B 11 -15.70 -22.34 -8.06
C LEU B 11 -15.91 -21.89 -9.51
N VAL B 12 -14.90 -22.03 -10.34
CA VAL B 12 -14.95 -21.54 -11.70
C VAL B 12 -14.30 -22.54 -12.64
N LYS B 13 -14.84 -22.65 -13.86
CA LYS B 13 -14.34 -23.64 -14.81
C LYS B 13 -13.06 -23.16 -15.52
N PRO B 14 -12.17 -24.09 -15.89
CA PRO B 14 -10.97 -23.73 -16.66
C PRO B 14 -11.33 -23.03 -17.97
N GLY B 15 -10.72 -21.90 -18.22
CA GLY B 15 -11.01 -21.06 -19.40
C GLY B 15 -12.16 -20.07 -19.32
N ALA B 16 -12.99 -20.14 -18.28
CA ALA B 16 -14.00 -19.16 -18.05
C ALA B 16 -13.37 -17.91 -17.38
N SER B 17 -14.22 -16.92 -17.11
CA SER B 17 -13.84 -15.69 -16.40
C SER B 17 -14.68 -15.61 -15.15
N VAL B 18 -14.27 -14.75 -14.22
CA VAL B 18 -15.01 -14.54 -12.98
C VAL B 18 -14.73 -13.12 -12.59
N LYS B 19 -15.74 -12.48 -12.06
CA LYS B 19 -15.58 -11.12 -11.56
C LYS B 19 -15.85 -11.07 -10.07
N LEU B 20 -14.85 -10.65 -9.31
CA LEU B 20 -14.92 -10.56 -7.84
C LEU B 20 -15.18 -9.13 -7.48
N SER B 21 -15.83 -8.93 -6.35
CA SER B 21 -16.15 -7.56 -5.91
C SER B 21 -15.69 -7.27 -4.51
N CYS B 22 -15.53 -5.97 -4.26
CA CYS B 22 -15.11 -5.47 -2.96
C CYS B 22 -15.89 -4.17 -2.69
N LYS B 23 -16.88 -4.16 -1.80
CA LYS B 23 -17.64 -2.96 -1.49
C LYS B 23 -17.00 -2.24 -0.31
N ALA B 24 -16.59 -1.00 -0.56
CA ALA B 24 -15.98 -0.13 0.40
C ALA B 24 -17.05 0.72 1.13
N SER B 25 -16.90 0.88 2.44
CA SER B 25 -17.82 1.72 3.17
C SER B 25 -17.15 2.34 4.36
N GLY B 26 -17.75 3.41 4.87
CA GLY B 26 -17.25 4.06 6.06
C GLY B 26 -16.26 5.17 5.76
N TYR B 27 -16.12 5.54 4.48
CA TYR B 27 -15.26 6.66 4.08
C TYR B 27 -15.59 7.07 2.63
N THR B 28 -15.01 8.17 2.15
CA THR B 28 -15.29 8.61 0.80
C THR B 28 -14.40 7.83 -0.20
N VAL B 29 -15.03 6.97 -1.00
CA VAL B 29 -14.34 5.93 -1.77
C VAL B 29 -13.32 6.52 -2.79
N THR B 30 -13.64 7.71 -3.32
CA THR B 30 -12.78 8.36 -4.29
C THR B 30 -11.51 9.00 -3.67
N SER B 31 -11.40 9.07 -2.35
CA SER B 31 -10.22 9.69 -1.76
C SER B 31 -9.01 8.76 -1.60
N TYR B 32 -9.16 7.47 -1.93
CA TYR B 32 -8.08 6.46 -1.70
C TYR B 32 -7.98 5.46 -2.81
N TRP B 33 -6.77 5.03 -3.13
CA TRP B 33 -6.57 3.95 -4.06
C TRP B 33 -7.00 2.59 -3.44
N ILE B 34 -7.39 1.66 -4.29
CA ILE B 34 -7.69 0.31 -3.96
C ILE B 34 -6.72 -0.58 -4.71
N ASP B 35 -6.15 -1.56 -4.01
CA ASP B 35 -5.22 -2.54 -4.61
C ASP B 35 -5.82 -3.97 -4.52
N TRP B 36 -5.35 -4.84 -5.40
CA TRP B 36 -5.66 -6.23 -5.32
C TRP B 36 -4.36 -7.03 -5.16
N ILE B 37 -4.42 -8.06 -4.33
CA ILE B 37 -3.31 -8.88 -3.94
C ILE B 37 -3.75 -10.35 -4.05
N LYS B 38 -2.87 -11.19 -4.53
CA LYS B 38 -3.14 -12.61 -4.74
C LYS B 38 -2.30 -13.46 -3.78
N GLN B 39 -2.90 -14.51 -3.25
CA GLN B 39 -2.18 -15.45 -2.45
C GLN B 39 -2.54 -16.89 -2.73
N ARG B 40 -1.64 -17.59 -3.37
CA ARG B 40 -1.86 -19.01 -3.59
C ARG B 40 -1.73 -19.80 -2.31
N PRO B 41 -2.43 -20.92 -2.21
CA PRO B 41 -2.37 -21.75 -0.98
C PRO B 41 -0.97 -22.13 -0.54
N GLY B 42 -0.63 -21.75 0.67
CA GLY B 42 0.67 -21.99 1.21
C GLY B 42 1.77 -21.05 0.79
N GLN B 43 1.45 -20.08 -0.07
CA GLN B 43 2.48 -19.22 -0.70
C GLN B 43 2.37 -17.76 -0.21
N GLY B 44 3.25 -16.93 -0.72
CA GLY B 44 3.35 -15.55 -0.28
C GLY B 44 2.38 -14.65 -1.06
N LEU B 45 2.52 -13.37 -0.82
CA LEU B 45 1.67 -12.34 -1.37
C LEU B 45 2.20 -11.87 -2.73
N GLU B 46 1.29 -11.63 -3.68
CA GLU B 46 1.60 -11.09 -5.01
C GLU B 46 0.75 -9.86 -5.30
N TRP B 47 1.41 -8.77 -5.64
CA TRP B 47 0.69 -7.51 -5.97
C TRP B 47 0.14 -7.58 -7.41
N ILE B 48 -1.17 -7.43 -7.59
CA ILE B 48 -1.77 -7.43 -8.92
C ILE B 48 -1.80 -6.03 -9.57
N GLY B 49 -2.34 -5.05 -8.83
CA GLY B 49 -2.47 -3.70 -9.31
C GLY B 49 -3.25 -2.81 -8.40
N ARG B 50 -3.49 -1.59 -8.90
CA ARG B 50 -4.20 -0.59 -8.13
C ARG B 50 -5.08 0.23 -9.05
N ILE B 51 -6.15 0.77 -8.49
CA ILE B 51 -7.07 1.60 -9.21
C ILE B 51 -7.52 2.78 -8.36
N ALA B 52 -7.64 3.93 -9.00
CA ALA B 52 -8.15 5.17 -8.37
C ALA B 52 -9.66 5.28 -8.67
N PRO B 53 -10.50 5.15 -7.66
CA PRO B 53 -11.95 5.02 -7.97
C PRO B 53 -12.62 6.17 -8.70
N GLY B 54 -12.17 7.39 -8.41
CA GLY B 54 -12.68 8.62 -9.11
C GLY B 54 -12.44 8.65 -10.60
N SER B 55 -11.28 8.19 -11.05
CA SER B 55 -10.90 8.34 -12.42
C SER B 55 -10.84 7.03 -13.19
N SER B 56 -10.83 5.90 -12.47
CA SER B 56 -10.46 4.61 -12.99
C SER B 56 -9.04 4.48 -13.52
N ASN B 57 -8.17 5.38 -13.08
CA ASN B 57 -6.76 5.28 -13.44
C ASN B 57 -6.21 4.01 -12.78
N THR B 58 -5.38 3.26 -13.50
CA THR B 58 -4.85 1.97 -12.99
C THR B 58 -3.33 1.86 -13.18
N TYR B 59 -2.69 1.10 -12.32
CA TYR B 59 -1.39 0.49 -12.54
C TYR B 59 -1.53 -1.01 -12.35
N TYR B 60 -0.89 -1.76 -13.23
CA TYR B 60 -0.84 -3.20 -13.17
C TYR B 60 0.59 -3.73 -13.05
N ASN B 61 0.74 -4.83 -12.34
CA ASN B 61 1.89 -5.65 -12.43
C ASN B 61 1.84 -6.37 -13.80
N GLU B 62 2.95 -6.29 -14.52
CA GLU B 62 2.99 -6.84 -15.90
C GLU B 62 2.64 -8.33 -15.98
N ILE B 63 2.97 -9.07 -14.94
CA ILE B 63 2.58 -10.45 -14.78
C ILE B 63 1.05 -10.71 -14.89
N PHE B 64 0.22 -9.74 -14.50
CA PHE B 64 -1.24 -9.90 -14.50
C PHE B 64 -1.94 -9.11 -15.61
N LYS B 65 -1.21 -8.35 -16.44
CA LYS B 65 -1.81 -7.66 -17.60
C LYS B 65 -2.49 -8.66 -18.51
N GLY B 66 -3.74 -8.41 -18.88
CA GLY B 66 -4.52 -9.45 -19.67
C GLY B 66 -5.10 -10.65 -18.92
N LYS B 67 -4.61 -10.94 -17.72
CA LYS B 67 -5.28 -11.90 -16.80
C LYS B 67 -6.35 -11.14 -15.98
N ALA B 68 -5.94 -10.00 -15.45
CA ALA B 68 -6.73 -9.19 -14.52
C ALA B 68 -7.15 -7.84 -15.13
N THR B 69 -8.40 -7.46 -14.90
CA THR B 69 -8.90 -6.18 -15.30
C THR B 69 -9.55 -5.52 -14.09
N LEU B 70 -9.05 -4.35 -13.67
CA LEU B 70 -9.67 -3.63 -12.55
C LEU B 70 -10.70 -2.61 -12.99
N THR B 71 -11.84 -2.58 -12.33
CA THR B 71 -12.80 -1.51 -12.55
C THR B 71 -13.41 -1.09 -11.25
N VAL B 72 -14.14 0.02 -11.26
CA VAL B 72 -14.85 0.47 -10.10
C VAL B 72 -16.21 1.01 -10.53
N ASP B 73 -17.19 0.81 -9.66
CA ASP B 73 -18.49 1.50 -9.84
C ASP B 73 -18.57 2.51 -8.71
N ILE B 74 -18.43 3.80 -9.03
CA ILE B 74 -18.37 4.83 -7.99
C ILE B 74 -19.69 4.93 -7.21
N SER B 75 -20.81 4.78 -7.91
CA SER B 75 -22.08 4.99 -7.23
C SER B 75 -22.34 4.01 -6.11
N SER B 76 -21.89 2.78 -6.32
CA SER B 76 -22.07 1.73 -5.32
C SER B 76 -20.80 1.51 -4.49
N SER B 77 -19.79 2.35 -4.68
CA SER B 77 -18.51 2.23 -3.95
C SER B 77 -17.94 0.83 -3.99
N THR B 78 -17.97 0.21 -5.16
CA THR B 78 -17.56 -1.17 -5.32
C THR B 78 -16.43 -1.29 -6.34
N ALA B 79 -15.37 -1.92 -5.89
CA ALA B 79 -14.24 -2.31 -6.74
C ALA B 79 -14.39 -3.70 -7.28
N TYR B 80 -14.07 -3.88 -8.57
CA TYR B 80 -14.10 -5.21 -9.20
C TYR B 80 -12.81 -5.64 -9.81
N ILE B 81 -12.53 -6.94 -9.76
CA ILE B 81 -11.46 -7.51 -10.52
C ILE B 81 -12.02 -8.60 -11.38
N GLN B 82 -11.74 -8.52 -12.67
CA GLN B 82 -12.16 -9.58 -13.56
C GLN B 82 -10.96 -10.40 -13.91
N LEU B 83 -11.03 -11.69 -13.65
CA LEU B 83 -9.98 -12.65 -13.95
C LEU B 83 -10.43 -13.50 -15.12
N SER B 84 -9.64 -13.48 -16.19
CA SER B 84 -10.06 -14.11 -17.43
C SER B 84 -9.12 -15.27 -17.78
N SER B 85 -9.63 -16.15 -18.64
CA SER B 85 -8.92 -17.34 -19.14
C SER B 85 -8.33 -18.18 -18.02
N LEU B 86 -9.16 -18.56 -17.06
CA LEU B 86 -8.67 -19.14 -15.83
C LEU B 86 -8.06 -20.50 -15.99
N SER B 87 -6.98 -20.73 -15.25
CA SER B 87 -6.34 -22.01 -15.12
C SER B 87 -6.01 -22.26 -13.66
N SER B 88 -5.41 -23.43 -13.40
CA SER B 88 -5.06 -23.85 -12.04
C SER B 88 -4.16 -22.89 -11.29
N GLU B 89 -3.21 -22.26 -11.99
CA GLU B 89 -2.33 -21.27 -11.36
C GLU B 89 -3.12 -20.05 -10.77
N ASP B 90 -4.37 -19.86 -11.21
CA ASP B 90 -5.24 -18.77 -10.76
C ASP B 90 -6.02 -19.11 -9.49
N SER B 91 -6.04 -20.39 -9.08
CA SER B 91 -6.63 -20.76 -7.83
C SER B 91 -5.85 -20.13 -6.67
N ALA B 92 -6.54 -19.32 -5.87
CA ALA B 92 -5.87 -18.48 -4.88
C ALA B 92 -6.90 -17.72 -4.09
N VAL B 93 -6.45 -17.10 -3.02
CA VAL B 93 -7.27 -16.10 -2.34
C VAL B 93 -6.87 -14.72 -2.94
N TYR B 94 -7.88 -13.90 -3.21
CA TYR B 94 -7.67 -12.55 -3.77
C TYR B 94 -8.17 -11.55 -2.72
N PHE B 95 -7.30 -10.65 -2.26
CA PHE B 95 -7.60 -9.62 -1.29
C PHE B 95 -7.78 -8.29 -2.00
N CYS B 96 -8.77 -7.49 -1.58
CA CYS B 96 -8.79 -6.09 -1.92
C CYS B 96 -8.25 -5.34 -0.68
N ALA B 97 -7.56 -4.24 -0.89
CA ALA B 97 -7.10 -3.43 0.23
C ALA B 97 -7.15 -1.99 -0.12
N ARG B 98 -7.32 -1.11 0.87
CA ARG B 98 -7.30 0.33 0.66
C ARG B 98 -5.98 0.89 1.05
N GLU B 99 -5.42 1.76 0.19
CA GLU B 99 -4.17 2.40 0.49
C GLU B 99 -4.37 3.46 1.59
N ILE B 100 -3.31 3.71 2.33
CA ILE B 100 -3.28 4.84 3.21
C ILE B 100 -3.24 6.15 2.44
N THR B 101 -3.49 7.25 3.15
CA THR B 101 -3.62 8.53 2.46
C THR B 101 -2.41 8.86 1.55
N SER B 102 -1.22 8.58 2.06
CA SER B 102 0.01 8.90 1.36
C SER B 102 0.28 7.95 0.18
N ALA B 103 -0.57 6.93 0.01
CA ALA B 103 -0.38 5.92 -1.07
C ALA B 103 1.00 5.18 -0.95
N THR B 104 1.40 4.84 0.28
CA THR B 104 2.66 4.17 0.55
C THR B 104 2.52 2.95 1.47
N ALA B 105 1.30 2.43 1.56
CA ALA B 105 1.00 1.24 2.31
C ALA B 105 -0.44 0.85 2.06
N MET B 106 -0.75 -0.40 2.39
CA MET B 106 -2.12 -0.89 2.45
C MET B 106 -2.59 -1.12 3.88
N GLU B 107 -3.49 -0.25 4.30
CA GLU B 107 -3.95 -0.15 5.66
C GLU B 107 -5.14 -1.04 5.95
N TYR B 108 -6.19 -0.95 5.15
CA TYR B 108 -7.40 -1.71 5.45
C TYR B 108 -7.52 -2.78 4.39
N TRP B 109 -7.73 -4.02 4.82
CA TRP B 109 -7.79 -5.16 3.91
C TRP B 109 -9.17 -5.77 3.98
N GLY B 110 -9.70 -6.28 2.87
CA GLY B 110 -10.88 -7.12 2.94
C GLY B 110 -10.51 -8.50 3.48
N GLN B 111 -11.52 -9.38 3.63
CA GLN B 111 -11.32 -10.71 4.18
C GLN B 111 -10.78 -11.70 3.18
N GLY B 112 -10.71 -11.33 1.89
CA GLY B 112 -10.27 -12.27 0.85
C GLY B 112 -11.41 -13.11 0.28
N THR B 113 -11.30 -13.39 -1.00
CA THR B 113 -12.21 -14.26 -1.71
C THR B 113 -11.39 -15.40 -2.31
N SER B 114 -11.71 -16.63 -1.96
CA SER B 114 -11.08 -17.79 -2.52
C SER B 114 -11.74 -18.14 -3.88
N VAL B 115 -10.89 -18.38 -4.87
CA VAL B 115 -11.30 -18.87 -6.20
C VAL B 115 -10.60 -20.21 -6.41
N THR B 116 -11.39 -21.21 -6.80
CA THR B 116 -10.83 -22.50 -7.16
C THR B 116 -11.23 -22.75 -8.64
N VAL B 117 -10.26 -23.07 -9.46
CA VAL B 117 -10.47 -23.38 -10.86
C VAL B 117 -10.43 -24.90 -11.07
N SER B 118 -11.55 -25.46 -11.49
CA SER B 118 -11.72 -26.89 -11.63
C SER B 118 -12.95 -27.14 -12.50
N SER B 119 -12.97 -28.31 -13.12
CA SER B 119 -14.13 -28.74 -13.89
C SER B 119 -15.13 -29.49 -12.97
N ALA B 120 -14.74 -29.77 -11.74
CA ALA B 120 -15.58 -30.57 -10.86
C ALA B 120 -16.75 -29.77 -10.36
N SER B 121 -17.83 -30.43 -9.98
CA SER B 121 -19.05 -29.75 -9.53
C SER B 121 -18.93 -29.31 -8.05
N THR B 122 -19.65 -28.23 -7.71
CA THR B 122 -19.70 -27.81 -6.33
C THR B 122 -20.56 -28.82 -5.52
N LYS B 123 -20.20 -28.99 -4.28
CA LYS B 123 -20.88 -29.92 -3.38
C LYS B 123 -20.83 -29.36 -1.98
N GLY B 124 -22.00 -29.15 -1.36
CA GLY B 124 -22.06 -28.67 0.05
C GLY B 124 -21.78 -29.80 1.05
N PRO B 125 -21.36 -29.45 2.26
CA PRO B 125 -20.92 -30.42 3.25
C PRO B 125 -22.09 -31.08 3.98
N SER B 126 -21.92 -32.30 4.45
CA SER B 126 -22.74 -32.87 5.51
C SER B 126 -22.04 -32.53 6.82
N VAL B 127 -22.79 -32.19 7.86
CA VAL B 127 -22.21 -31.85 9.17
C VAL B 127 -22.71 -32.86 10.21
N PHE B 128 -21.76 -33.53 10.86
CA PHE B 128 -22.09 -34.57 11.83
C PHE B 128 -21.54 -34.24 13.18
N PRO B 129 -22.24 -34.63 14.26
CA PRO B 129 -21.66 -34.27 15.54
C PRO B 129 -20.50 -35.21 15.93
N LEU B 130 -19.54 -34.66 16.65
CA LEU B 130 -18.54 -35.42 17.39
C LEU B 130 -18.96 -35.26 18.86
N ALA B 131 -19.70 -36.26 19.35
CA ALA B 131 -20.45 -36.08 20.57
C ALA B 131 -19.52 -36.30 21.75
N PRO B 132 -19.68 -35.54 22.84
CA PRO B 132 -18.79 -35.76 24.01
C PRO B 132 -19.06 -37.16 24.65
N SER B 133 -18.00 -37.94 24.94
CA SER B 133 -18.14 -39.39 25.38
C SER B 133 -18.60 -39.36 26.82
N GLY B 139 -9.09 -33.12 33.65
CA GLY B 139 -9.91 -33.42 34.81
C GLY B 139 -11.39 -33.28 34.49
N GLY B 140 -11.90 -32.07 34.64
CA GLY B 140 -13.29 -31.79 34.36
C GLY B 140 -13.44 -31.01 33.07
N THR B 141 -12.71 -31.42 32.03
CA THR B 141 -12.95 -30.86 30.67
C THR B 141 -13.34 -31.95 29.65
N ALA B 142 -14.36 -31.65 28.84
CA ALA B 142 -14.80 -32.60 27.80
C ALA B 142 -14.45 -31.96 26.45
N ALA B 143 -14.27 -32.78 25.43
CA ALA B 143 -14.08 -32.26 24.06
C ALA B 143 -15.32 -32.66 23.27
N LEU B 144 -15.76 -31.78 22.40
CA LEU B 144 -16.84 -32.10 21.46
C LEU B 144 -16.52 -31.38 20.15
N GLY B 145 -17.27 -31.69 19.10
CA GLY B 145 -17.07 -31.05 17.81
C GLY B 145 -18.07 -31.39 16.74
N CYS B 146 -17.72 -30.93 15.53
CA CYS B 146 -18.45 -31.19 14.31
C CYS B 146 -17.49 -31.68 13.28
N LEU B 147 -17.91 -32.69 12.54
CA LEU B 147 -17.26 -33.21 11.36
C LEU B 147 -17.95 -32.65 10.15
N VAL B 148 -17.22 -31.84 9.39
CA VAL B 148 -17.73 -31.21 8.19
C VAL B 148 -17.21 -31.94 6.97
N LYS B 149 -18.05 -32.77 6.36
CA LYS B 149 -17.55 -33.78 5.47
C LYS B 149 -18.06 -33.62 4.04
N ASP B 150 -17.18 -33.95 3.07
CA ASP B 150 -17.55 -34.16 1.68
C ASP B 150 -18.05 -32.91 0.97
N TYR B 151 -17.20 -31.89 0.91
CA TYR B 151 -17.54 -30.69 0.22
C TYR B 151 -16.48 -30.33 -0.81
N PHE B 152 -16.85 -29.45 -1.71
CA PHE B 152 -15.95 -29.00 -2.77
C PHE B 152 -16.49 -27.74 -3.34
N PRO B 153 -15.65 -26.75 -3.61
CA PRO B 153 -14.25 -26.70 -3.26
C PRO B 153 -14.09 -26.19 -1.84
N GLU B 154 -12.87 -25.95 -1.41
CA GLU B 154 -12.62 -25.10 -0.24
C GLU B 154 -13.08 -23.67 -0.45
N PRO B 155 -13.32 -22.89 0.61
CA PRO B 155 -13.21 -23.28 2.01
C PRO B 155 -14.59 -23.37 2.63
N VAL B 156 -14.63 -23.80 3.88
CA VAL B 156 -15.82 -23.67 4.74
C VAL B 156 -15.36 -22.82 5.91
N THR B 157 -16.33 -22.20 6.55
CA THR B 157 -16.03 -21.53 7.82
C THR B 157 -16.90 -22.14 8.88
N VAL B 158 -16.36 -22.24 10.10
CA VAL B 158 -17.10 -22.86 11.21
C VAL B 158 -16.99 -21.91 12.38
N SER B 159 -18.13 -21.64 13.02
CA SER B 159 -18.14 -20.87 14.26
C SER B 159 -18.93 -21.70 15.30
N TRP B 160 -18.79 -21.38 16.57
CA TRP B 160 -19.54 -22.08 17.61
C TRP B 160 -20.46 -21.08 18.34
N ASN B 161 -21.72 -21.46 18.55
CA ASN B 161 -22.73 -20.60 19.22
C ASN B 161 -22.74 -19.18 18.63
N SER B 162 -22.74 -19.14 17.30
CA SER B 162 -22.76 -17.89 16.55
C SER B 162 -21.63 -16.96 16.90
N GLY B 163 -20.45 -17.46 17.15
CA GLY B 163 -19.31 -16.60 17.45
C GLY B 163 -19.14 -16.31 18.93
N ALA B 164 -20.12 -16.67 19.75
CA ALA B 164 -19.99 -16.46 21.20
C ALA B 164 -19.06 -17.42 21.89
N LEU B 165 -18.79 -18.59 21.29
CA LEU B 165 -17.79 -19.47 21.84
C LEU B 165 -16.53 -19.48 20.98
N THR B 166 -15.41 -19.00 21.54
CA THR B 166 -14.15 -18.93 20.82
C THR B 166 -12.98 -19.59 21.55
N SER B 167 -12.98 -19.57 22.88
CA SER B 167 -11.81 -20.13 23.59
C SER B 167 -11.90 -21.68 23.58
N GLY B 168 -10.76 -22.31 23.36
CA GLY B 168 -10.69 -23.74 23.29
C GLY B 168 -11.13 -24.29 21.93
N VAL B 169 -11.49 -23.44 20.96
CA VAL B 169 -11.90 -23.95 19.65
C VAL B 169 -10.68 -24.21 18.78
N HIS B 170 -10.63 -25.35 18.10
CA HIS B 170 -9.62 -25.62 17.10
C HIS B 170 -10.34 -26.07 15.84
N THR B 171 -10.15 -25.37 14.74
CA THR B 171 -10.76 -25.83 13.50
C THR B 171 -9.59 -26.24 12.62
N PHE B 172 -9.56 -27.50 12.23
CA PHE B 172 -8.41 -28.08 11.59
C PHE B 172 -8.36 -27.71 10.09
N PRO B 173 -7.16 -27.72 9.51
CA PRO B 173 -7.12 -27.60 8.07
C PRO B 173 -7.86 -28.71 7.36
N ALA B 174 -8.51 -28.39 6.26
CA ALA B 174 -9.17 -29.43 5.46
C ALA B 174 -8.16 -30.42 4.88
N VAL B 175 -8.58 -31.68 4.77
CA VAL B 175 -7.82 -32.67 4.08
C VAL B 175 -8.59 -33.11 2.83
N LEU B 176 -7.87 -33.32 1.74
CA LEU B 176 -8.50 -33.77 0.50
C LEU B 176 -8.62 -35.27 0.55
N GLN B 177 -9.85 -35.80 0.52
CA GLN B 177 -10.03 -37.25 0.66
C GLN B 177 -9.79 -37.93 -0.69
N SER B 178 -9.71 -39.24 -0.71
CA SER B 178 -9.48 -39.98 -1.96
C SER B 178 -10.64 -39.78 -2.99
N SER B 179 -11.82 -39.39 -2.48
CA SER B 179 -12.96 -39.04 -3.32
C SER B 179 -12.80 -37.75 -4.15
N GLY B 180 -11.84 -36.90 -3.80
CA GLY B 180 -11.68 -35.58 -4.39
C GLY B 180 -12.49 -34.52 -3.66
N LEU B 181 -13.16 -34.91 -2.59
CA LEU B 181 -13.91 -33.97 -1.77
C LEU B 181 -13.11 -33.68 -0.48
N TYR B 182 -13.34 -32.52 0.11
CA TYR B 182 -12.67 -32.17 1.36
C TYR B 182 -13.46 -32.62 2.57
N SER B 183 -12.76 -32.65 3.70
CA SER B 183 -13.39 -32.86 5.00
C SER B 183 -12.58 -32.12 6.04
N LEU B 184 -13.27 -31.65 7.08
CA LEU B 184 -12.54 -31.10 8.24
C LEU B 184 -13.29 -31.31 9.52
N SER B 185 -12.62 -31.17 10.67
CA SER B 185 -13.27 -31.14 11.96
C SER B 185 -13.00 -29.85 12.67
N SER B 186 -13.95 -29.44 13.47
CA SER B 186 -13.78 -28.30 14.37
C SER B 186 -14.15 -28.87 15.73
N VAL B 187 -13.32 -28.61 16.74
CA VAL B 187 -13.53 -29.15 18.08
C VAL B 187 -13.46 -28.03 19.10
N VAL B 188 -14.05 -28.26 20.26
CA VAL B 188 -13.92 -27.30 21.36
C VAL B 188 -13.85 -28.07 22.66
N THR B 189 -12.96 -27.65 23.56
CA THR B 189 -12.94 -28.15 24.95
C THR B 189 -13.77 -27.26 25.87
N VAL B 190 -14.64 -27.91 26.65
CA VAL B 190 -15.53 -27.20 27.55
C VAL B 190 -15.54 -27.94 28.93
N PRO B 191 -16.03 -27.27 29.99
CA PRO B 191 -16.28 -27.93 31.28
C PRO B 191 -17.21 -29.11 31.12
N SER B 192 -16.79 -30.28 31.57
CA SER B 192 -17.66 -31.49 31.58
C SER B 192 -18.98 -31.23 32.30
N SER B 193 -18.93 -30.41 33.34
CA SER B 193 -20.13 -30.04 34.11
C SER B 193 -21.15 -29.17 33.36
N SER B 194 -20.73 -28.47 32.29
CA SER B 194 -21.65 -27.66 31.47
C SER B 194 -22.52 -28.49 30.50
N LEU B 195 -22.19 -29.76 30.31
CA LEU B 195 -22.76 -30.50 29.16
C LEU B 195 -24.28 -30.75 29.18
N GLY B 196 -24.87 -30.77 30.37
CA GLY B 196 -26.33 -30.90 30.50
C GLY B 196 -27.06 -29.59 30.53
N THR B 197 -26.33 -28.48 30.66
CA THR B 197 -26.95 -27.18 30.81
C THR B 197 -26.64 -26.16 29.70
N GLN B 198 -25.56 -26.36 28.95
CA GLN B 198 -25.14 -25.36 27.94
C GLN B 198 -25.29 -26.03 26.59
N THR B 199 -25.91 -25.33 25.64
CA THR B 199 -26.05 -25.90 24.31
C THR B 199 -24.86 -25.46 23.48
N TYR B 200 -24.38 -26.40 22.65
CA TYR B 200 -23.23 -26.19 21.79
C TYR B 200 -23.67 -26.48 20.36
N ILE B 201 -23.58 -25.43 19.52
CA ILE B 201 -24.02 -25.53 18.14
C ILE B 201 -22.91 -25.06 17.20
N CYS B 202 -22.62 -25.89 16.22
CA CYS B 202 -21.60 -25.48 15.27
C CYS B 202 -22.33 -24.93 14.05
N ASN B 203 -21.85 -23.77 13.61
CA ASN B 203 -22.41 -23.03 12.48
C ASN B 203 -21.46 -23.10 11.32
N VAL B 204 -21.95 -23.70 10.23
CA VAL B 204 -21.11 -23.98 9.08
C VAL B 204 -21.60 -23.21 7.84
N ASN B 205 -20.65 -22.59 7.13
CA ASN B 205 -20.98 -21.87 5.92
C ASN B 205 -20.05 -22.31 4.81
N HIS B 206 -20.64 -22.87 3.77
CA HIS B 206 -19.93 -23.20 2.53
C HIS B 206 -20.39 -22.32 1.41
N LYS B 207 -19.70 -21.20 1.19
CA LYS B 207 -20.24 -20.19 0.24
C LYS B 207 -20.38 -20.67 -1.21
N PRO B 208 -19.43 -21.51 -1.71
CA PRO B 208 -19.56 -21.93 -3.12
C PRO B 208 -20.82 -22.69 -3.49
N SER B 209 -21.43 -23.38 -2.54
CA SER B 209 -22.66 -24.09 -2.76
C SER B 209 -23.83 -23.41 -2.12
N ASN B 210 -23.62 -22.23 -1.52
CA ASN B 210 -24.67 -21.56 -0.70
C ASN B 210 -25.28 -22.48 0.38
N THR B 211 -24.44 -23.28 1.01
CA THR B 211 -24.91 -24.22 2.04
C THR B 211 -24.58 -23.60 3.41
N LYS B 212 -25.59 -23.41 4.24
CA LYS B 212 -25.37 -22.96 5.62
C LYS B 212 -26.13 -23.88 6.59
N VAL B 213 -25.45 -24.37 7.62
CA VAL B 213 -25.98 -25.49 8.44
C VAL B 213 -25.66 -25.17 9.89
N ASP B 214 -26.59 -25.40 10.79
CA ASP B 214 -26.33 -25.29 12.24
C ASP B 214 -26.50 -26.74 12.74
N LYS B 215 -25.57 -27.24 13.55
CA LYS B 215 -25.70 -28.57 14.11
C LYS B 215 -25.51 -28.51 15.60
N LYS B 216 -26.58 -28.82 16.33
CA LYS B 216 -26.49 -29.01 17.77
C LYS B 216 -25.71 -30.29 18.16
N VAL B 217 -24.76 -30.15 19.07
CA VAL B 217 -23.88 -31.29 19.43
C VAL B 217 -24.16 -31.66 20.88
N GLU B 218 -24.69 -32.85 21.05
CA GLU B 218 -25.22 -33.32 22.36
C GLU B 218 -24.53 -34.59 22.81
N PRO B 219 -24.42 -34.77 24.16
CA PRO B 219 -23.98 -36.07 24.71
C PRO B 219 -24.78 -37.20 24.09
N LYS B 220 -24.15 -38.30 23.70
CA LYS B 220 -24.93 -39.45 23.19
C LYS B 220 -25.48 -40.25 24.37
N GLU C 37 -5.64 41.36 2.31
CA GLU C 37 -5.42 42.61 1.51
C GLU C 37 -3.92 43.10 1.55
N THR C 38 -3.32 43.19 2.74
CA THR C 38 -1.89 43.43 2.82
C THR C 38 -1.23 42.40 3.75
N ARG C 39 0.06 42.15 3.58
CA ARG C 39 0.77 41.27 4.44
C ARG C 39 2.14 41.87 4.69
N GLN C 40 2.66 41.60 5.87
CA GLN C 40 4.01 41.95 6.23
C GLN C 40 4.94 40.78 5.86
N VAL C 41 5.85 41.02 4.92
CA VAL C 41 6.68 39.97 4.37
C VAL C 41 8.11 40.04 4.91
N SER C 42 8.53 38.93 5.45
CA SER C 42 9.92 38.73 5.89
C SER C 42 10.54 37.67 4.97
N MET C 43 11.83 37.78 4.68
CA MET C 43 12.49 36.75 3.87
C MET C 43 13.81 36.47 4.54
N GLU C 44 14.15 35.19 4.68
CA GLU C 44 15.42 34.81 5.25
C GLU C 44 16.03 33.70 4.42
N VAL C 45 17.34 33.80 4.25
CA VAL C 45 18.12 32.73 3.71
C VAL C 45 18.68 31.89 4.87
N ILE C 46 18.41 30.61 4.85
CA ILE C 46 18.72 29.73 5.97
C ILE C 46 19.80 28.79 5.46
N SER C 47 20.93 28.78 6.17
CA SER C 47 22.14 28.08 5.75
C SER C 47 22.49 27.03 6.79
N GLY C 48 23.22 25.99 6.42
CA GLY C 48 23.77 25.10 7.44
C GLY C 48 25.13 24.57 7.03
N TRP C 49 25.72 23.80 7.94
CA TRP C 49 27.02 23.13 7.74
C TRP C 49 27.03 21.74 8.45
N PRO C 50 27.59 20.67 7.88
CA PRO C 50 28.17 20.65 6.54
C PRO C 50 27.13 20.69 5.45
N ASN C 51 27.62 20.78 4.23
CA ASN C 51 26.87 20.61 3.01
C ASN C 51 25.83 21.74 2.91
N PRO C 52 26.33 22.98 2.76
CA PRO C 52 25.43 24.12 2.61
C PRO C 52 24.60 24.02 1.31
N GLN C 53 23.36 24.47 1.41
CA GLN C 53 22.41 24.38 0.33
C GLN C 53 21.59 25.65 0.36
N ASN C 54 20.97 25.97 -0.77
CA ASN C 54 20.09 27.13 -0.86
C ASN C 54 18.69 26.83 -0.29
N LEU C 55 18.33 27.53 0.78
CA LEU C 55 16.99 27.43 1.40
C LEU C 55 16.49 28.84 1.75
N LEU C 56 15.34 29.20 1.18
CA LEU C 56 14.78 30.53 1.30
C LEU C 56 13.36 30.41 1.92
N HIS C 57 13.13 31.12 3.02
CA HIS C 57 11.87 31.11 3.77
C HIS C 57 11.25 32.50 3.62
N ILE C 58 10.08 32.55 2.97
CA ILE C 58 9.28 33.71 2.84
C ILE C 58 8.10 33.55 3.76
N ARG C 59 7.87 34.53 4.59
CA ARG C 59 6.82 34.51 5.60
C ARG C 59 6.00 35.74 5.44
N ALA C 60 4.75 35.55 5.06
CA ALA C 60 3.90 36.73 4.73
C ALA C 60 2.77 36.72 5.73
N VAL C 61 2.85 37.64 6.69
CA VAL C 61 1.97 37.60 7.85
C VAL C 61 0.80 38.54 7.62
N GLY C 62 -0.40 38.03 7.74
CA GLY C 62 -1.62 38.85 7.65
C GLY C 62 -2.09 39.25 9.03
N SER C 63 -3.37 39.58 9.15
CA SER C 63 -3.96 39.89 10.44
C SER C 63 -4.24 38.73 11.31
N ASN C 64 -4.51 37.57 10.74
CA ASN C 64 -4.81 36.37 11.52
C ASN C 64 -4.33 35.08 10.80
N SER C 65 -3.22 35.19 10.09
CA SER C 65 -2.78 34.11 9.20
C SER C 65 -1.35 34.38 8.88
N THR C 66 -0.67 33.33 8.48
CA THR C 66 0.61 33.45 7.85
C THR C 66 0.65 32.51 6.65
N LEU C 67 1.25 33.00 5.57
CA LEU C 67 1.61 32.15 4.44
C LEU C 67 3.12 31.94 4.46
N HIS C 68 3.55 30.68 4.41
CA HIS C 68 4.98 30.31 4.37
C HIS C 68 5.30 29.68 3.02
N TYR C 69 6.38 30.11 2.41
CA TYR C 69 6.89 29.50 1.20
C TYR C 69 8.33 29.15 1.53
N VAL C 70 8.73 27.90 1.35
CA VAL C 70 10.05 27.47 1.59
C VAL C 70 10.59 26.97 0.24
N TRP C 71 11.48 27.74 -0.34
CA TRP C 71 12.05 27.46 -1.65
C TRP C 71 13.43 26.85 -1.48
N SER C 72 13.77 25.82 -2.25
CA SER C 72 15.08 25.25 -2.11
C SER C 72 15.60 24.66 -3.40
N SER C 73 16.93 24.62 -3.50
CA SER C 73 17.60 23.93 -4.56
C SER C 73 18.36 22.70 -4.08
N LEU C 74 17.95 22.15 -2.94
CA LEU C 74 18.40 20.84 -2.53
C LEU C 74 17.50 19.82 -3.20
N GLY C 75 18.06 19.06 -4.15
CA GLY C 75 17.26 18.32 -5.09
C GLY C 75 16.66 19.20 -6.17
N PRO C 76 15.61 18.75 -6.84
CA PRO C 76 15.07 19.62 -7.88
C PRO C 76 14.43 20.86 -7.25
N PRO C 77 14.55 22.01 -7.92
CA PRO C 77 13.96 23.18 -7.31
C PRO C 77 12.53 22.95 -6.85
N ALA C 78 12.27 23.31 -5.60
CA ALA C 78 10.99 22.98 -5.00
C ALA C 78 10.53 24.07 -4.09
N VAL C 79 9.22 24.16 -3.96
CA VAL C 79 8.67 25.06 -2.96
C VAL C 79 7.65 24.34 -2.13
N VAL C 80 7.74 24.48 -0.83
CA VAL C 80 6.70 23.99 0.11
C VAL C 80 5.86 25.17 0.52
N LEU C 81 4.54 25.07 0.32
CA LEU C 81 3.57 26.13 0.61
C LEU C 81 2.76 25.75 1.83
N VAL C 82 2.69 26.61 2.86
CA VAL C 82 1.95 26.30 4.09
C VAL C 82 1.17 27.52 4.47
N ALA C 83 -0.11 27.35 4.71
CA ALA C 83 -0.98 28.42 5.20
C ALA C 83 -1.42 28.06 6.61
N THR C 84 -1.32 29.03 7.54
CA THR C 84 -1.68 28.82 8.93
C THR C 84 -2.68 29.89 9.38
N ASN C 85 -3.44 29.59 10.43
CA ASN C 85 -4.40 30.56 10.94
C ASN C 85 -3.87 31.30 12.19
N THR C 86 -2.58 31.58 12.21
CA THR C 86 -1.91 32.34 13.31
C THR C 86 -0.85 33.25 12.71
N THR C 87 -0.61 34.39 13.35
CA THR C 87 0.41 35.33 12.89
C THR C 87 1.74 34.94 13.50
N GLN C 88 1.75 33.83 14.26
CA GLN C 88 2.90 33.41 15.10
C GLN C 88 3.46 32.04 14.70
N SER C 89 3.06 31.49 13.56
CA SER C 89 3.63 30.21 13.17
C SER C 89 5.12 30.39 12.78
N VAL C 90 5.89 29.33 12.97
CA VAL C 90 7.33 29.38 12.77
C VAL C 90 7.77 28.18 11.95
N LEU C 91 8.90 28.32 11.28
CA LEU C 91 9.54 27.25 10.53
C LEU C 91 10.74 26.79 11.37
N SER C 92 10.81 25.49 11.60
CA SER C 92 11.92 24.79 12.18
C SER C 92 12.65 24.00 11.09
N VAL C 93 13.97 24.07 11.13
CA VAL C 93 14.87 23.37 10.18
C VAL C 93 15.93 22.62 10.91
N ASN C 94 15.97 21.29 10.74
CA ASN C 94 17.04 20.51 11.30
C ASN C 94 17.97 20.07 10.18
N TRP C 95 19.06 20.77 10.08
CA TRP C 95 19.89 20.67 8.93
C TRP C 95 20.53 19.28 8.79
N SER C 96 21.03 18.73 9.89
CA SER C 96 21.66 17.40 9.78
C SER C 96 20.65 16.36 9.34
N LEU C 97 19.44 16.36 9.89
CA LEU C 97 18.35 15.50 9.43
C LEU C 97 17.92 15.74 7.94
N LEU C 98 17.89 16.98 7.51
CA LEU C 98 17.50 17.35 6.14
C LEU C 98 18.47 16.76 5.12
N LEU C 99 19.72 16.64 5.51
CA LEU C 99 20.76 16.11 4.61
C LEU C 99 21.08 14.61 4.77
N SER C 100 20.33 13.94 5.61
CA SER C 100 20.53 12.53 5.91
C SER C 100 19.76 11.69 4.91
N PRO C 101 20.00 10.37 4.91
CA PRO C 101 19.21 9.48 4.08
C PRO C 101 17.68 9.43 4.33
N ASP C 102 17.21 9.78 5.54
CA ASP C 102 15.76 9.77 5.88
C ASP C 102 15.42 11.11 6.49
N PRO C 103 15.16 12.12 5.65
CA PRO C 103 14.95 13.50 6.14
C PRO C 103 13.55 13.82 6.69
N ALA C 104 12.64 12.86 6.66
CA ALA C 104 11.26 13.11 7.17
C ALA C 104 11.25 13.76 8.52
N GLY C 105 10.56 14.90 8.63
CA GLY C 105 10.50 15.72 9.86
C GLY C 105 11.53 16.84 10.00
N ALA C 106 12.45 16.96 9.04
CA ALA C 106 13.52 17.92 9.15
C ALA C 106 13.00 19.35 8.90
N LEU C 107 11.89 19.49 8.18
CA LEU C 107 11.24 20.79 8.05
C LEU C 107 9.89 20.72 8.69
N MET C 108 9.55 21.72 9.50
CA MET C 108 8.21 21.76 10.14
C MET C 108 7.70 23.17 10.21
N VAL C 109 6.40 23.34 10.09
CA VAL C 109 5.77 24.60 10.48
C VAL C 109 5.00 24.35 11.77
N LEU C 110 5.26 25.17 12.79
CA LEU C 110 4.67 24.95 14.11
C LEU C 110 3.92 26.16 14.58
N PRO C 111 2.83 25.99 15.32
CA PRO C 111 2.24 24.67 15.71
C PRO C 111 1.57 23.93 14.56
N LYS C 112 1.70 22.60 14.51
CA LYS C 112 1.09 21.81 13.42
C LYS C 112 -0.44 21.98 13.34
N SER C 113 -1.11 22.17 14.49
CA SER C 113 -2.57 22.34 14.56
C SER C 113 -3.06 23.62 13.86
N SER C 114 -2.16 24.61 13.73
CA SER C 114 -2.49 25.83 12.97
C SER C 114 -2.50 25.68 11.44
N ILE C 115 -1.97 24.58 10.90
CA ILE C 115 -1.89 24.44 9.45
C ILE C 115 -3.29 24.21 8.83
N GLN C 116 -3.68 25.10 7.95
CA GLN C 116 -4.94 24.99 7.19
C GLN C 116 -4.75 24.38 5.82
N PHE C 117 -3.57 24.54 5.22
CA PHE C 117 -3.31 24.02 3.85
C PHE C 117 -1.81 23.80 3.79
N SER C 118 -1.38 22.71 3.19
CA SER C 118 0.05 22.53 2.84
C SER C 118 0.19 21.70 1.59
N SER C 119 1.11 22.11 0.76
CA SER C 119 1.43 21.38 -0.44
C SER C 119 2.81 21.79 -0.95
N ALA C 120 3.16 21.31 -2.15
CA ALA C 120 4.47 21.57 -2.76
C ALA C 120 4.36 21.61 -4.24
N LEU C 121 5.28 22.33 -4.87
CA LEU C 121 5.41 22.39 -6.30
C LEU C 121 6.89 22.13 -6.56
N VAL C 122 7.18 21.24 -7.48
CA VAL C 122 8.58 20.85 -7.84
C VAL C 122 8.78 21.02 -9.37
N PHE C 123 9.88 21.66 -9.71
CA PHE C 123 10.34 21.71 -11.06
C PHE C 123 11.39 20.61 -11.29
N THR C 124 11.00 19.56 -11.99
CA THR C 124 11.75 18.33 -11.94
C THR C 124 12.74 18.26 -13.08
N ARG C 125 12.31 18.65 -14.29
CA ARG C 125 13.18 18.42 -15.47
C ARG C 125 13.10 19.58 -16.43
N LEU C 126 14.20 19.83 -17.09
CA LEU C 126 14.23 20.69 -18.26
C LEU C 126 14.13 19.77 -19.49
N LEU C 127 13.07 19.95 -20.26
CA LEU C 127 12.71 19.10 -21.41
C LEU C 127 13.24 19.76 -22.68
N GLU C 128 13.51 18.95 -23.68
CA GLU C 128 13.92 19.44 -25.01
C GLU C 128 13.39 18.51 -26.08
N PHE C 129 12.77 19.08 -27.11
CA PHE C 129 12.12 18.33 -28.22
C PHE C 129 12.67 18.83 -29.54
N ASP C 130 12.95 17.90 -30.45
CA ASP C 130 13.24 18.27 -31.84
C ASP C 130 11.97 18.40 -32.59
N SER C 131 11.62 19.60 -33.00
CA SER C 131 10.35 19.86 -33.62
C SER C 131 10.37 19.88 -35.17
N THR C 132 11.45 19.44 -35.77
CA THR C 132 11.53 19.42 -37.25
C THR C 132 10.31 18.65 -37.76
N ASN C 133 9.53 19.16 -38.68
CA ASN C 133 8.34 18.37 -39.14
C ASN C 133 7.20 18.17 -38.12
N ALA C 134 7.32 18.61 -36.87
CA ALA C 134 6.18 18.47 -35.96
C ALA C 134 5.19 19.56 -36.30
N SER C 135 3.94 19.40 -35.89
CA SER C 135 2.94 20.43 -36.08
C SER C 135 2.81 21.21 -34.79
N GLU C 136 2.41 22.48 -34.88
CA GLU C 136 2.05 23.22 -33.66
C GLU C 136 0.86 22.62 -32.92
N GLY C 137 1.04 22.43 -31.61
CA GLY C 137 0.00 21.84 -30.75
C GLY C 137 0.10 20.33 -30.63
N ALA C 138 1.08 19.72 -31.27
CA ALA C 138 1.27 18.25 -31.14
C ALA C 138 1.67 17.86 -29.69
N GLN C 139 1.32 16.63 -29.29
CA GLN C 139 1.75 16.05 -28.02
C GLN C 139 2.35 14.66 -28.27
N PRO C 140 3.66 14.47 -28.06
CA PRO C 140 4.58 15.50 -27.63
C PRO C 140 4.85 16.56 -28.72
N PRO C 141 5.42 17.71 -28.35
CA PRO C 141 5.69 18.77 -29.33
C PRO C 141 6.79 18.46 -30.38
N GLY C 142 7.51 17.37 -30.22
CA GLY C 142 8.68 17.04 -31.05
C GLY C 142 9.21 15.69 -30.58
N LYS C 143 10.32 15.23 -31.14
CA LYS C 143 10.93 13.99 -30.66
C LYS C 143 11.75 14.37 -29.44
N PRO C 144 11.41 13.83 -28.27
CA PRO C 144 12.14 14.22 -27.04
C PRO C 144 13.62 13.83 -27.03
N TYR C 145 14.48 14.74 -26.60
CA TYR C 145 15.80 14.38 -26.17
C TYR C 145 15.72 13.88 -24.71
N PRO C 146 16.81 13.23 -24.22
CA PRO C 146 16.93 12.95 -22.80
C PRO C 146 16.84 14.22 -21.96
N PRO C 147 15.85 14.30 -21.08
CA PRO C 147 15.65 15.51 -20.25
C PRO C 147 16.82 15.75 -19.29
N TYR C 148 17.01 16.99 -18.91
CA TYR C 148 17.97 17.32 -17.86
C TYR C 148 17.25 17.23 -16.54
N SER C 149 17.70 16.35 -15.65
CA SER C 149 17.13 16.33 -14.29
C SER C 149 17.64 17.54 -13.54
N LEU C 150 16.73 18.28 -12.95
CA LEU C 150 17.11 19.45 -12.21
C LEU C 150 17.65 19.10 -10.82
N ALA C 151 17.53 17.83 -10.43
CA ALA C 151 18.16 17.36 -9.22
C ALA C 151 19.68 17.26 -9.38
N LYS C 152 20.17 17.19 -10.62
CA LYS C 152 21.61 17.06 -10.88
C LYS C 152 22.24 18.38 -11.37
N PHE C 153 21.73 19.50 -10.86
CA PHE C 153 22.28 20.82 -11.16
C PHE C 153 23.06 21.27 -9.94
N SER C 154 24.04 22.15 -10.14
CA SER C 154 24.59 22.95 -9.05
C SER C 154 24.18 24.39 -9.21
N TRP C 155 24.11 25.08 -8.09
CA TRP C 155 23.45 26.38 -7.99
C TRP C 155 24.41 27.38 -7.37
N ASN C 156 24.31 28.63 -7.77
CA ASN C 156 24.99 29.70 -7.08
C ASN C 156 24.40 29.90 -5.72
N ASN C 157 25.16 30.53 -4.85
CA ASN C 157 24.68 30.81 -3.53
C ASN C 157 23.63 31.97 -3.56
N ILE C 158 22.41 31.73 -3.11
CA ILE C 158 21.33 32.73 -3.22
C ILE C 158 21.50 33.91 -2.30
N THR C 159 22.40 33.82 -1.33
CA THR C 159 22.64 34.92 -0.39
C THR C 159 22.87 36.22 -1.08
N ASN C 160 23.69 36.20 -2.13
CA ASN C 160 24.03 37.42 -2.85
C ASN C 160 22.84 38.04 -3.56
N SER C 161 21.99 37.22 -4.14
CA SER C 161 20.83 37.72 -4.89
C SER C 161 19.69 38.32 -4.04
N LEU C 162 19.70 38.08 -2.73
CA LEU C 162 18.55 38.44 -1.89
C LEU C 162 18.44 39.93 -1.90
N ASP C 163 17.29 40.44 -2.32
CA ASP C 163 17.03 41.88 -2.45
C ASP C 163 15.80 42.19 -1.62
N LEU C 164 16.01 42.66 -0.40
CA LEU C 164 14.87 42.85 0.50
C LEU C 164 13.95 44.01 0.13
N ALA C 165 14.44 45.03 -0.59
CA ALA C 165 13.56 46.11 -1.04
C ALA C 165 12.58 45.65 -2.14
N ASN C 166 13.01 44.72 -3.00
CA ASN C 166 12.13 44.15 -3.99
C ASN C 166 11.51 42.81 -3.61
N LEU C 167 11.82 42.32 -2.41
CA LEU C 167 11.31 41.05 -1.91
C LEU C 167 11.64 39.89 -2.86
N SER C 168 12.88 39.83 -3.36
CA SER C 168 13.20 38.83 -4.39
C SER C 168 14.54 38.11 -4.13
N ALA C 169 14.67 36.94 -4.74
CA ALA C 169 15.94 36.23 -4.77
C ALA C 169 15.96 35.35 -5.97
N ASP C 170 17.12 34.83 -6.29
CA ASP C 170 17.12 33.90 -7.38
C ASP C 170 18.10 32.78 -7.27
N PHE C 171 17.72 31.69 -7.92
CA PHE C 171 18.43 30.42 -7.91
C PHE C 171 18.93 30.24 -9.34
N GLN C 172 20.23 30.25 -9.55
CA GLN C 172 20.78 30.12 -10.90
C GLN C 172 21.70 28.93 -10.97
N GLY C 173 21.51 28.09 -11.98
CA GLY C 173 22.18 26.81 -12.01
C GLY C 173 22.52 26.24 -13.35
N ARG C 174 23.31 25.17 -13.31
CA ARG C 174 23.66 24.40 -14.48
C ARG C 174 23.94 22.96 -14.10
N PRO C 175 23.93 22.04 -15.07
CA PRO C 175 24.17 20.64 -14.75
C PRO C 175 25.53 20.47 -14.18
N VAL C 176 25.67 19.55 -13.22
CA VAL C 176 26.96 19.20 -12.60
C VAL C 176 27.81 18.45 -13.64
N ASP C 177 27.21 17.48 -14.33
CA ASP C 177 27.86 16.75 -15.46
C ASP C 177 27.38 17.23 -16.82
N ASP C 178 28.27 17.93 -17.54
CA ASP C 178 27.96 18.54 -18.83
C ASP C 178 29.09 18.18 -19.82
N PRO C 179 29.21 16.89 -20.17
CA PRO C 179 30.33 16.48 -21.03
C PRO C 179 30.34 17.17 -22.37
N THR C 180 29.17 17.57 -22.88
CA THR C 180 29.12 18.31 -24.17
C THR C 180 29.38 19.83 -24.10
N GLY C 181 29.44 20.38 -22.90
CA GLY C 181 29.59 21.82 -22.70
C GLY C 181 28.36 22.64 -23.13
N ALA C 182 27.18 22.04 -23.07
CA ALA C 182 25.92 22.74 -23.43
C ALA C 182 25.65 23.96 -22.56
N PHE C 183 26.10 23.94 -21.30
CA PHE C 183 25.90 25.04 -20.35
C PHE C 183 27.20 25.73 -20.03
N ALA C 184 28.22 25.59 -20.90
CA ALA C 184 29.51 26.26 -20.65
C ALA C 184 29.31 27.77 -20.50
N ASN C 185 28.40 28.34 -21.27
CA ASN C 185 28.09 29.75 -21.09
C ASN C 185 26.57 29.91 -20.92
N GLY C 186 25.93 29.00 -20.18
CA GLY C 186 24.48 29.00 -20.06
C GLY C 186 24.04 28.74 -18.62
N SER C 187 22.79 29.09 -18.31
CA SER C 187 22.24 28.78 -17.00
C SER C 187 20.73 28.78 -17.06
N LEU C 188 20.14 28.11 -16.08
CA LEU C 188 18.69 28.13 -15.84
C LEU C 188 18.47 28.86 -14.50
N THR C 189 17.60 29.88 -14.50
CA THR C 189 17.43 30.73 -13.33
C THR C 189 15.98 30.68 -12.90
N PHE C 190 15.76 30.53 -11.58
CA PHE C 190 14.41 30.60 -10.98
C PHE C 190 14.42 31.85 -10.10
N LYS C 191 13.71 32.90 -10.51
CA LYS C 191 13.67 34.14 -9.73
C LYS C 191 12.37 34.21 -8.96
N VAL C 192 12.46 34.40 -7.66
CA VAL C 192 11.25 34.34 -6.76
C VAL C 192 11.04 35.76 -6.27
N GLN C 193 9.79 36.22 -6.28
CA GLN C 193 9.43 37.53 -5.76
C GLN C 193 8.14 37.41 -4.97
N ALA C 194 8.12 37.99 -3.75
CA ALA C 194 6.94 38.13 -2.93
C ALA C 194 6.34 39.54 -3.00
N PHE C 195 5.15 39.68 -2.43
CA PHE C 195 4.39 40.90 -2.55
C PHE C 195 3.66 41.20 -1.24
N SER C 196 3.67 42.47 -0.87
CA SER C 196 3.02 42.93 0.37
C SER C 196 1.57 43.38 0.15
N ARG C 197 1.22 43.66 -1.11
CA ARG C 197 -0.10 44.20 -1.47
C ARG C 197 -0.41 43.96 -2.94
N SER C 198 -1.62 44.32 -3.35
CA SER C 198 -2.05 44.04 -4.71
C SER C 198 -1.43 45.00 -5.73
N GLY C 199 -1.24 44.52 -6.95
CA GLY C 199 -0.60 45.37 -7.97
C GLY C 199 -0.36 44.61 -9.25
N ARG C 200 -0.04 45.32 -10.31
CA ARG C 200 0.15 44.73 -11.62
C ARG C 200 1.45 45.30 -12.17
N PRO C 201 2.47 44.46 -12.28
CA PRO C 201 3.72 44.98 -12.84
C PRO C 201 3.57 45.51 -14.26
N ALA C 202 4.40 46.49 -14.59
CA ALA C 202 4.46 47.06 -15.94
C ALA C 202 5.09 46.05 -16.91
N GLN C 203 6.04 45.30 -16.46
CA GLN C 203 6.78 44.37 -17.35
C GLN C 203 5.87 43.20 -17.80
N PRO C 204 5.86 42.88 -19.09
CA PRO C 204 5.13 41.71 -19.59
C PRO C 204 5.60 40.44 -18.86
N PRO C 205 4.73 39.51 -18.50
CA PRO C 205 3.35 39.41 -18.93
C PRO C 205 2.33 40.15 -18.03
N ARG C 206 2.75 41.04 -17.13
CA ARG C 206 1.82 41.84 -16.35
C ARG C 206 0.74 41.04 -15.63
N LEU C 207 1.14 40.00 -14.88
CA LEU C 207 0.19 39.25 -14.09
C LEU C 207 -0.19 40.12 -12.86
N LEU C 208 -1.47 40.22 -12.61
CA LEU C 208 -1.96 40.83 -11.35
C LEU C 208 -1.62 39.98 -10.14
N HIS C 209 -0.85 40.54 -9.21
CA HIS C 209 -0.60 39.88 -7.94
C HIS C 209 -1.44 40.45 -6.77
N THR C 210 -1.53 39.66 -5.71
CA THR C 210 -2.05 40.06 -4.40
C THR C 210 -1.00 39.68 -3.37
N ALA C 211 -1.27 40.00 -2.10
CA ALA C 211 -0.35 39.67 -1.02
C ALA C 211 -0.37 38.18 -0.77
N ASP C 212 -1.26 37.44 -1.42
CA ASP C 212 -1.36 36.01 -1.19
C ASP C 212 -0.56 35.13 -2.20
N VAL C 213 0.35 35.74 -2.99
CA VAL C 213 1.08 35.00 -3.98
C VAL C 213 2.56 35.42 -4.00
N CYS C 214 3.39 34.50 -4.47
CA CYS C 214 4.73 34.78 -4.99
C CYS C 214 4.68 34.69 -6.54
N GLN C 215 5.59 35.39 -7.20
CA GLN C 215 5.74 35.25 -8.61
C GLN C 215 7.06 34.51 -8.85
N LEU C 216 7.07 33.62 -9.82
CA LEU C 216 8.28 32.88 -10.20
C LEU C 216 8.53 33.21 -11.64
N GLU C 217 9.75 33.58 -11.98
CA GLU C 217 10.15 33.70 -13.37
C GLU C 217 11.24 32.67 -13.62
N VAL C 218 11.09 31.90 -14.69
CA VAL C 218 12.10 30.91 -15.03
C VAL C 218 12.74 31.38 -16.34
N ALA C 219 14.07 31.42 -16.41
CA ALA C 219 14.75 31.83 -17.59
C ALA C 219 15.88 30.87 -17.95
N LEU C 220 15.85 30.36 -19.19
CA LEU C 220 16.96 29.59 -19.77
C LEU C 220 17.74 30.55 -20.66
N VAL C 221 19.04 30.68 -20.40
CA VAL C 221 19.84 31.67 -21.07
C VAL C 221 21.19 31.07 -21.48
N GLY C 222 21.46 31.07 -22.79
CA GLY C 222 22.79 30.74 -23.34
C GLY C 222 23.22 29.30 -23.37
N ALA C 223 22.38 28.37 -22.97
CA ALA C 223 22.67 26.96 -23.17
C ALA C 223 22.48 26.52 -24.63
N SER C 224 23.35 25.63 -25.08
CA SER C 224 23.26 25.12 -26.43
C SER C 224 22.20 24.09 -26.61
N PRO C 225 21.33 24.29 -27.62
CA PRO C 225 20.41 23.20 -27.92
C PRO C 225 21.17 21.98 -28.49
N ARG C 226 20.55 20.83 -28.49
CA ARG C 226 21.20 19.63 -29.02
C ARG C 226 20.89 19.42 -30.48
N GLY C 227 20.12 20.28 -31.10
CA GLY C 227 19.95 20.22 -32.56
C GLY C 227 19.22 21.48 -32.95
N ASN C 228 18.91 21.66 -34.24
CA ASN C 228 18.13 22.80 -34.67
C ASN C 228 16.69 22.49 -34.40
N HIS C 229 15.87 23.52 -34.42
CA HIS C 229 14.44 23.36 -34.23
C HIS C 229 14.07 22.77 -32.83
N SER C 230 14.87 23.05 -31.80
CA SER C 230 14.55 22.58 -30.43
C SER C 230 13.48 23.43 -29.79
N LEU C 231 12.46 22.78 -29.22
CA LEU C 231 11.54 23.41 -28.30
C LEU C 231 11.89 23.00 -26.88
N PHE C 232 12.05 23.97 -26.00
CA PHE C 232 12.31 23.61 -24.60
C PHE C 232 11.03 23.55 -23.80
N GLY C 233 11.12 22.91 -22.63
CA GLY C 233 9.98 22.84 -21.73
C GLY C 233 10.41 22.51 -20.31
N LEU C 234 9.42 22.47 -19.41
CA LEU C 234 9.63 22.17 -18.00
C LEU C 234 8.63 21.14 -17.58
N GLU C 235 9.07 20.16 -16.82
CA GLU C 235 8.13 19.26 -16.12
C GLU C 235 7.92 19.80 -14.72
N VAL C 236 6.66 19.96 -14.36
CA VAL C 236 6.24 20.52 -13.12
C VAL C 236 5.42 19.45 -12.41
N ALA C 237 5.67 19.26 -11.12
CA ALA C 237 4.88 18.33 -10.30
C ALA C 237 4.34 19.04 -9.08
N THR C 238 3.06 18.76 -8.77
CA THR C 238 2.47 19.26 -7.57
C THR C 238 2.15 18.07 -6.66
N LEU C 239 1.96 18.36 -5.40
CA LEU C 239 1.50 17.32 -4.48
C LEU C 239 -0.03 17.36 -4.51
N GLY C 240 -0.63 16.24 -4.86
CA GLY C 240 -2.06 16.17 -5.10
C GLY C 240 -2.81 15.92 -3.80
N GLN C 241 -4.13 16.06 -3.86
CA GLN C 241 -5.03 15.79 -2.74
C GLN C 241 -5.86 14.60 -3.17
N GLY C 242 -5.59 13.43 -2.61
CA GLY C 242 -6.26 12.19 -3.03
C GLY C 242 -5.62 11.67 -4.30
N PRO C 243 -6.28 10.70 -4.94
CA PRO C 243 -5.61 10.02 -6.02
C PRO C 243 -5.57 10.76 -7.36
N ASP C 244 -6.47 11.72 -7.59
CA ASP C 244 -6.69 12.25 -8.92
C ASP C 244 -6.19 13.71 -9.05
N CYS C 245 -6.11 14.22 -10.29
CA CYS C 245 -5.45 15.50 -10.56
C CYS C 245 -6.45 16.57 -11.01
N PRO C 246 -6.20 17.84 -10.65
CA PRO C 246 -7.08 18.91 -11.11
C PRO C 246 -6.84 19.19 -12.59
N SER C 247 -7.70 19.98 -13.23
CA SER C 247 -7.41 20.36 -14.63
C SER C 247 -7.15 21.85 -14.72
N VAL C 248 -6.47 22.25 -15.77
CA VAL C 248 -6.15 23.66 -16.01
C VAL C 248 -7.43 24.34 -16.50
N ASN C 249 -7.79 25.45 -15.86
CA ASN C 249 -8.94 26.26 -16.29
C ASN C 249 -8.37 27.41 -17.15
N GLU C 250 -8.86 27.57 -18.36
CA GLU C 250 -8.51 28.75 -19.23
C GLU C 250 -9.58 29.84 -19.19
N ALA C 259 -9.09 37.25 -27.41
CA ALA C 259 -7.95 37.51 -26.53
C ALA C 259 -6.64 36.86 -27.06
N PRO C 260 -5.67 37.68 -27.47
CA PRO C 260 -4.35 37.07 -27.75
C PRO C 260 -3.68 36.53 -26.46
N ALA C 261 -2.78 35.56 -26.63
CA ALA C 261 -2.16 34.87 -25.49
C ALA C 261 -1.59 35.79 -24.41
N VAL C 262 -1.07 36.97 -24.79
CA VAL C 262 -0.67 38.00 -23.79
C VAL C 262 -1.81 38.51 -22.84
N PHE C 263 -3.10 38.38 -23.21
CA PHE C 263 -4.23 38.74 -22.32
C PHE C 263 -5.03 37.49 -21.78
N GLN C 264 -4.51 36.29 -22.03
CA GLN C 264 -5.15 35.09 -21.56
C GLN C 264 -4.55 34.68 -20.21
N LEU C 265 -5.29 33.86 -19.49
CA LEU C 265 -4.86 33.46 -18.14
C LEU C 265 -5.23 32.02 -17.91
N ASN C 266 -4.25 31.19 -17.58
CA ASN C 266 -4.49 29.83 -17.16
C ASN C 266 -4.36 29.68 -15.63
N GLN C 267 -5.16 28.80 -15.05
CA GLN C 267 -5.21 28.68 -13.63
C GLN C 267 -5.32 27.22 -13.23
N LEU C 268 -4.58 26.88 -12.19
CA LEU C 268 -4.65 25.54 -11.61
C LEU C 268 -4.93 25.66 -10.13
N LEU C 269 -6.03 25.06 -9.67
CA LEU C 269 -6.43 25.11 -8.29
C LEU C 269 -6.23 23.76 -7.66
N TRP C 270 -5.60 23.75 -6.49
CA TRP C 270 -5.31 22.48 -5.77
C TRP C 270 -6.60 21.85 -5.30
N GLY C 271 -7.47 22.69 -4.76
CA GLY C 271 -8.82 22.31 -4.36
C GLY C 271 -9.69 23.56 -4.49
N SER C 272 -10.96 23.46 -4.05
CA SER C 272 -11.87 24.63 -4.11
C SER C 272 -11.34 25.68 -3.18
N SER C 273 -11.42 26.94 -3.62
CA SER C 273 -10.87 28.05 -2.87
C SER C 273 -11.63 28.19 -1.53
N PRO C 274 -10.96 28.58 -0.45
CA PRO C 274 -9.53 28.97 -0.45
C PRO C 274 -8.58 27.78 -0.40
N SER C 275 -7.49 27.86 -1.16
CA SER C 275 -6.60 26.73 -1.31
C SER C 275 -5.37 27.18 -2.11
N GLY C 276 -4.48 26.25 -2.39
CA GLY C 276 -3.31 26.54 -3.24
C GLY C 276 -3.74 26.73 -4.68
N PHE C 277 -3.05 27.62 -5.38
CA PHE C 277 -3.30 27.82 -6.80
C PHE C 277 -2.03 28.32 -7.50
N MET C 278 -2.02 28.12 -8.80
CA MET C 278 -1.06 28.77 -9.67
C MET C 278 -1.74 29.37 -10.89
N GLN C 279 -1.23 30.48 -11.37
CA GLN C 279 -1.85 31.19 -12.47
C GLN C 279 -0.69 31.64 -13.36
N TRP C 280 -0.90 31.59 -14.67
CA TRP C 280 0.09 32.09 -15.62
C TRP C 280 -0.57 32.46 -16.95
N ARG C 281 0.11 33.26 -17.75
CA ARG C 281 -0.36 33.47 -19.10
C ARG C 281 0.33 32.44 -19.97
N PRO C 282 -0.36 31.98 -21.03
CA PRO C 282 0.16 30.97 -21.92
C PRO C 282 1.13 31.53 -22.94
N VAL C 283 2.12 32.27 -22.44
CA VAL C 283 3.08 32.93 -23.28
C VAL C 283 4.44 32.87 -22.59
N ALA C 284 5.49 32.73 -23.38
CA ALA C 284 6.86 32.94 -22.91
C ALA C 284 7.53 33.92 -23.89
N PHE C 285 8.70 34.40 -23.53
CA PHE C 285 9.37 35.35 -24.41
C PHE C 285 10.72 34.81 -24.82
N SER C 286 11.10 35.06 -26.06
CA SER C 286 12.40 34.63 -26.58
C SER C 286 13.47 35.72 -26.67
N GLU C 287 13.21 36.88 -26.08
CA GLU C 287 14.16 37.97 -25.99
C GLU C 287 14.05 38.59 -24.62
N GLU C 288 15.18 38.95 -24.06
CA GLU C 288 15.21 39.52 -22.71
C GLU C 288 14.34 40.78 -22.47
N GLU C 289 14.15 41.60 -23.51
CA GLU C 289 13.37 42.83 -23.39
C GLU C 289 11.90 42.50 -23.52
N ARG C 290 11.57 41.27 -23.91
CA ARG C 290 10.15 40.82 -23.96
C ARG C 290 9.28 41.66 -24.89
N ALA C 291 9.82 41.94 -26.06
CA ALA C 291 9.08 42.61 -27.08
C ALA C 291 7.95 41.70 -27.48
N ARG C 292 6.81 42.30 -27.84
CA ARG C 292 5.63 41.50 -28.24
C ARG C 292 5.95 40.51 -29.37
N GLU C 293 6.84 40.90 -30.28
CA GLU C 293 7.20 40.07 -31.43
C GLU C 293 8.00 38.83 -30.98
N SER C 294 8.53 38.86 -29.77
CA SER C 294 9.35 37.75 -29.26
C SER C 294 8.53 36.72 -28.51
N ALA C 295 7.20 36.96 -28.38
CA ALA C 295 6.32 36.08 -27.64
C ALA C 295 6.21 34.71 -28.31
N LEU C 296 6.15 33.66 -27.51
CA LEU C 296 6.05 32.26 -27.96
C LEU C 296 4.84 31.68 -27.21
N PRO C 297 4.10 30.72 -27.80
CA PRO C 297 3.10 30.01 -27.00
C PRO C 297 3.74 29.20 -25.89
N CYS C 298 2.99 29.06 -24.81
CA CYS C 298 3.31 28.14 -23.71
C CYS C 298 2.13 27.20 -23.62
N GLN C 299 2.33 25.96 -24.01
CA GLN C 299 1.29 24.95 -23.97
C GLN C 299 1.51 24.05 -22.73
N ALA C 300 0.44 23.79 -21.99
CA ALA C 300 0.47 22.84 -20.89
C ALA C 300 -0.14 21.50 -21.29
N SER C 301 0.55 20.41 -20.96
CA SER C 301 -0.01 19.09 -21.17
C SER C 301 -1.11 18.85 -20.14
N THR C 302 -1.88 17.78 -20.31
CA THR C 302 -2.83 17.36 -19.26
C THR C 302 -2.03 16.89 -18.04
N LEU C 303 -2.59 17.06 -16.86
CA LEU C 303 -1.96 16.61 -15.63
C LEU C 303 -2.15 15.06 -15.49
N HIS C 304 -1.06 14.40 -15.12
CA HIS C 304 -1.02 12.94 -14.93
C HIS C 304 -0.68 12.66 -13.46
N SER C 305 -1.46 11.78 -12.83
CA SER C 305 -1.14 11.21 -11.56
C SER C 305 0.21 10.51 -11.76
N THR C 306 1.11 10.76 -10.86
CA THR C 306 2.47 10.31 -11.00
C THR C 306 3.02 9.84 -9.64
N LEU C 307 3.73 8.70 -9.63
CA LEU C 307 4.42 8.22 -8.43
C LEU C 307 5.71 8.98 -8.14
N ALA C 308 6.13 8.97 -6.88
CA ALA C 308 7.41 9.56 -6.49
C ALA C 308 8.52 8.96 -7.26
N SER C 309 8.45 7.65 -7.51
CA SER C 309 9.56 6.97 -8.17
C SER C 309 9.73 7.39 -9.65
N SER C 310 8.75 8.08 -10.23
CA SER C 310 8.93 8.52 -11.61
C SER C 310 9.46 9.94 -11.72
N LEU C 311 9.78 10.57 -10.58
CA LEU C 311 10.33 11.88 -10.52
C LEU C 311 11.68 11.86 -9.77
N PRO C 312 12.56 12.81 -10.07
CA PRO C 312 13.76 13.02 -9.29
C PRO C 312 13.43 13.24 -7.83
N HIS C 313 14.25 12.66 -6.94
CA HIS C 313 13.87 12.60 -5.54
C HIS C 313 14.07 13.98 -4.89
N SER C 314 13.10 14.46 -4.15
CA SER C 314 13.18 15.76 -3.43
C SER C 314 13.31 15.60 -1.93
N PRO C 315 14.48 15.93 -1.39
CA PRO C 315 14.60 15.80 0.06
C PRO C 315 13.70 16.80 0.80
N ILE C 316 13.43 17.94 0.14
CA ILE C 316 12.64 19.00 0.76
C ILE C 316 11.21 18.55 0.94
N VAL C 317 10.61 17.96 -0.10
CA VAL C 317 9.25 17.46 -0.01
C VAL C 317 9.21 16.33 0.97
N GLN C 318 10.17 15.44 0.91
CA GLN C 318 10.17 14.32 1.88
C GLN C 318 10.41 14.80 3.35
N ALA C 319 11.19 15.83 3.52
CA ALA C 319 11.39 16.42 4.88
C ALA C 319 10.10 16.95 5.51
N PHE C 320 9.30 17.63 4.69
CA PHE C 320 8.04 18.19 5.16
C PHE C 320 6.91 17.19 5.24
N PHE C 321 6.76 16.35 4.22
CA PHE C 321 5.57 15.50 4.06
C PHE C 321 5.78 13.99 4.33
N GLY C 322 7.03 13.55 4.50
CA GLY C 322 7.32 12.14 4.58
C GLY C 322 7.22 11.55 3.20
N SER C 323 7.25 10.22 3.14
CA SER C 323 7.12 9.52 1.89
C SER C 323 5.69 9.67 1.41
N GLN C 324 5.52 10.15 0.20
CA GLN C 324 4.18 10.35 -0.48
C GLN C 324 4.26 9.86 -1.90
N ASN C 325 3.13 9.36 -2.43
CA ASN C 325 3.03 8.90 -3.83
C ASN C 325 1.95 9.61 -4.69
N ASN C 326 1.30 10.63 -4.17
CA ASN C 326 0.25 11.30 -4.93
C ASN C 326 0.81 12.62 -5.50
N PHE C 327 1.54 12.51 -6.59
CA PHE C 327 1.94 13.71 -7.33
C PHE C 327 1.04 13.89 -8.56
N CYS C 328 0.98 15.11 -9.05
CA CYS C 328 0.29 15.45 -10.28
C CYS C 328 1.34 16.19 -11.11
N ALA C 329 1.70 15.65 -12.25
CA ALA C 329 2.72 16.24 -13.09
C ALA C 329 2.19 16.70 -14.45
N PHE C 330 2.77 17.75 -14.98
CA PHE C 330 2.43 18.18 -16.36
C PHE C 330 3.65 18.80 -16.96
N ASN C 331 3.68 18.82 -18.31
CA ASN C 331 4.74 19.47 -19.04
C ASN C 331 4.29 20.78 -19.62
N LEU C 332 5.10 21.82 -19.44
CA LEU C 332 4.91 23.09 -20.10
C LEU C 332 5.90 23.15 -21.25
N THR C 333 5.44 23.36 -22.46
CA THR C 333 6.37 23.50 -23.56
C THR C 333 6.24 24.86 -24.24
N PHE C 334 7.39 25.43 -24.60
CA PHE C 334 7.46 26.81 -25.08
C PHE C 334 7.79 26.83 -26.56
N GLY C 335 6.93 27.45 -27.35
CA GLY C 335 7.26 27.77 -28.72
C GLY C 335 6.58 26.88 -29.72
N ALA C 336 6.57 27.32 -30.96
CA ALA C 336 6.01 26.56 -32.07
C ALA C 336 7.19 26.11 -32.96
N PRO C 337 6.92 25.17 -33.89
CA PRO C 337 8.02 24.70 -34.76
C PRO C 337 8.52 25.74 -35.73
N THR C 338 7.79 26.81 -35.96
CA THR C 338 8.31 27.88 -36.79
C THR C 338 8.02 29.17 -36.09
N GLY C 339 8.61 30.25 -36.53
CA GLY C 339 8.37 31.54 -35.86
C GLY C 339 9.46 31.78 -34.84
N PRO C 340 9.21 32.64 -33.87
CA PRO C 340 10.24 32.89 -32.87
C PRO C 340 10.53 31.63 -32.04
N GLY C 341 11.75 31.54 -31.51
CA GLY C 341 12.15 30.40 -30.71
C GLY C 341 13.31 30.74 -29.82
N TYR C 342 13.64 29.79 -28.96
CA TYR C 342 14.87 29.77 -28.22
C TYR C 342 16.06 29.90 -29.17
N TRP C 343 15.93 29.32 -30.37
CA TRP C 343 17.00 29.33 -31.35
C TRP C 343 17.43 30.74 -31.79
N ASP C 344 16.58 31.75 -31.64
CA ASP C 344 16.96 33.12 -32.10
C ASP C 344 18.13 33.73 -31.39
N GLN C 345 18.08 33.79 -30.05
CA GLN C 345 19.09 34.39 -29.19
C GLN C 345 19.50 33.51 -27.97
N TYR C 346 19.04 32.25 -27.96
CA TYR C 346 19.21 31.34 -26.81
C TYR C 346 18.73 32.01 -25.54
N TYR C 347 17.48 32.41 -25.62
CA TYR C 347 16.83 33.07 -24.49
C TYR C 347 15.37 32.59 -24.44
N LEU C 348 14.90 32.22 -23.23
CA LEU C 348 13.49 31.90 -22.96
C LEU C 348 13.18 32.34 -21.53
N CYS C 349 12.06 33.05 -21.32
CA CYS C 349 11.58 33.57 -20.01
C CYS C 349 10.11 33.17 -19.91
N TRP C 350 9.67 32.60 -18.79
CA TRP C 350 8.25 32.35 -18.52
C TRP C 350 7.95 32.71 -17.05
N SER C 351 6.76 33.25 -16.78
CA SER C 351 6.42 33.69 -15.42
C SER C 351 5.13 33.05 -14.98
N MET C 352 5.02 32.85 -13.67
CA MET C 352 3.79 32.34 -13.08
C MET C 352 3.65 32.92 -11.67
N LEU C 353 2.44 32.82 -11.16
CA LEU C 353 2.11 33.06 -9.77
C LEU C 353 1.70 31.75 -9.07
N LEU C 354 2.07 31.67 -7.80
CA LEU C 354 1.84 30.56 -6.92
C LEU C 354 1.31 31.16 -5.64
N GLY C 355 0.18 30.70 -5.15
CA GLY C 355 -0.38 31.29 -3.96
C GLY C 355 -1.29 30.42 -3.18
N MET C 356 -1.79 31.01 -2.10
CA MET C 356 -2.77 30.35 -1.24
C MET C 356 -3.87 31.32 -0.87
N GLY C 357 -5.10 30.84 -1.03
CA GLY C 357 -6.28 31.62 -0.69
C GLY C 357 -7.15 31.67 -1.93
N PHE C 358 -7.57 32.87 -2.31
CA PHE C 358 -8.37 33.08 -3.52
C PHE C 358 -7.48 33.64 -4.58
N PRO C 359 -7.55 33.08 -5.78
CA PRO C 359 -6.71 33.68 -6.82
C PRO C 359 -7.00 35.18 -7.11
N PRO C 360 -5.97 35.93 -7.54
CA PRO C 360 -6.18 37.27 -8.04
C PRO C 360 -7.19 37.27 -9.17
N VAL C 361 -8.11 38.23 -9.14
CA VAL C 361 -9.11 38.28 -10.21
C VAL C 361 -8.55 39.25 -11.23
N ASP C 362 -8.00 38.69 -12.29
CA ASP C 362 -7.08 39.40 -13.18
C ASP C 362 -7.89 39.60 -14.45
N ILE C 363 -8.59 40.74 -14.53
CA ILE C 363 -9.74 40.99 -15.43
C ILE C 363 -9.88 42.48 -15.74
#